data_7JRD
#
_entry.id   7JRD
#
_cell.length_a   120.388
_cell.length_b   120.388
_cell.length_c   207.378
_cell.angle_alpha   90.000
_cell.angle_beta   90.000
_cell.angle_gamma   90.000
#
_symmetry.space_group_name_H-M   'P 43 21 2'
#
loop_
_entity.id
_entity.type
_entity.pdbx_description
1 polymer 'Lactoferrin-binding protein B'
2 polymer Lactotransferrin
3 non-polymer 'SULFATE ION'
4 non-polymer 'FE (III) ION'
5 non-polymer 'BICARBONATE ION'
6 water water
#
loop_
_entity_poly.entity_id
_entity_poly.type
_entity_poly.pdbx_seq_one_letter_code
_entity_poly.pdbx_strand_id
1 'polypeptide(L)'
;GAMGIGGNFGVQPVVESTPTAYPVTFKSKDVPTPPPAGSSVETTPVNRPAVGAAMRLPRRNIASYKQDGTEIPDKHQAEE
HLPLKEKDILFLDGTLKEQADKLKKKINERYSDVRVITSKKEEEKYQYQFVRAGYVFTRAEGKDNEKEKTSDGKEFVNRF
SYDGFVYYSGERPSQSLPSAGTVQYSGNWQYMTDAKRHRTGKAVSSTDLGYTTYYGNEIGATSYEARDADDREKHPAEYT
VDFDNKTLNGKLIKNQYVQNKSNPNEPKKPLTIYDITATLDGNRFTGSAKVSTEVKTQHADKEYLFFHTDADQRLEGGFF
GDNGEELAGRFISNDNSVFGVFAGKQKTETENAADTKPALSSGKHTKILDSLKISVDEASDKNPREFAISSMPDFGHPDK
LLVEGREIPLVNKEQTIELADGRKTTIRTCCDFLTYVKIGRMQTERPAAKPKAQDEERDEEDTGVDSVEEGEDEIDDEEG
TEDAAVKDEGSEEDEAVEGEDEAEEPEEESPTEEGGSGSDGILPAPEAPKGRNIDLFLKGIRTAETDIPKTGEAHYTGTW
EARIGKPIQWDNQADKEAAKAVFTVDFGKKSISGTLTEENGVEPAFHIENGKIEGNGFYATARTRENGINLSGNGSTDPK
TFQASNLRVEGGFYGPQAEELGGIIFNNDGKSLGITEGTENKVDVEAEVDAEVDVGKQLESEVKHQFGVVFGAKKDMQEV
EK
;
A
2 'polypeptide(L)'
;GRRRRSVQWCAVSQPEATKCFQWQRNMRRVRGPPVSCIKRDSPIQCIQAIAENRADAVTLDGGFIYEAGLAPYKLRPVAA
EVYGTERQPRTHYYAVAVVKKGGSFQLNELQGLKSCHTGLRRTAGWNVPIGTLRPFLNWTGPPEPIEAAVARFFSASCVP
GADKGQFPNLCRLCAGTGENKCAFSSQEPYFSYSGAFKCLRDGAGDVAFIRESTVFEDLSDEAERDEYELLCPDNTRKPV
DKFKDCHLARVPSHAVVARSVNGKEDAIWNLLRQAQEKFGKDKSPKFQLFGSPSGQKDLLFKDSAIGFSRVPPRIDSGLY
LGSGYFTAIQNLRKSEEEVAARRARVVWCAVGEQELRKCNQWSGLSEGSVTCSSASTTEDCIALVLKGEADAMSLDGGYV
YTAGKCGLVPVLAENYKSQQSSDPDPNCVDRPVEGYLAVAVVRRSDTSLTWNSVKGKKSCHTAVDRTAGWNIPMGLLFNQ
TGSCKFDEYFSQSCAPGSDPRSNLCALCIGDEQGENKCVPNSNERYYGYTGAFRCLAENAGDVAFVKDVTVLQNTDGNNN
DAWAKDLKLADFALLCLDGKRKPVTEARSCHLAMAPNHAVVSRMDKVERLKQVLLHQQAKFGRNGSDCPDKFCLFQSETK
NLLFNDNTECLARLHGKTTYEKYLGPQYVAGITNLKKCSTSPLLEACEFLRK
;
B
#
# COMPACT_ATOMS: atom_id res chain seq x y z
N GLY A 38 26.28 -14.28 -21.51
CA GLY A 38 25.95 -13.23 -22.47
C GLY A 38 24.61 -12.58 -22.22
N SER A 39 23.98 -12.10 -23.27
CA SER A 39 22.69 -11.42 -23.18
C SER A 39 22.00 -11.53 -24.54
N SER A 40 20.95 -10.74 -24.73
CA SER A 40 20.23 -10.70 -26.01
C SER A 40 20.99 -9.76 -26.95
N VAL A 41 21.67 -10.33 -27.94
CA VAL A 41 22.66 -9.62 -28.73
C VAL A 41 22.15 -9.25 -30.13
N GLU A 42 20.88 -9.54 -30.43
CA GLU A 42 20.33 -9.25 -31.74
C GLU A 42 19.19 -8.25 -31.72
N THR A 43 18.86 -7.68 -30.56
CA THR A 43 17.71 -6.81 -30.41
C THR A 43 18.03 -5.67 -29.46
N THR A 44 17.34 -4.56 -29.67
CA THR A 44 17.32 -3.44 -28.72
C THR A 44 16.23 -3.67 -27.69
N PRO A 45 16.21 -2.88 -26.61
CA PRO A 45 15.08 -2.97 -25.67
C PRO A 45 13.73 -2.64 -26.29
N VAL A 46 13.71 -2.06 -27.50
CA VAL A 46 12.45 -1.67 -28.12
C VAL A 46 11.80 -2.86 -28.83
N ASN A 47 12.57 -3.59 -29.63
CA ASN A 47 12.04 -4.68 -30.44
C ASN A 47 12.39 -6.06 -29.88
N ARG A 48 12.78 -6.12 -28.61
CA ARG A 48 13.21 -7.38 -28.01
C ARG A 48 12.02 -8.29 -27.74
N PRO A 49 12.06 -9.56 -28.16
CA PRO A 49 11.01 -10.50 -27.77
C PRO A 49 11.04 -10.76 -26.27
N ALA A 50 9.86 -10.99 -25.70
CA ALA A 50 9.77 -11.21 -24.27
C ALA A 50 8.51 -12.00 -23.93
N VAL A 51 8.57 -12.71 -22.79
CA VAL A 51 7.38 -13.29 -22.19
C VAL A 51 6.73 -12.33 -21.21
N GLY A 52 7.28 -11.13 -21.05
CA GLY A 52 6.73 -10.12 -20.16
C GLY A 52 7.58 -8.87 -20.14
N ALA A 53 6.94 -7.71 -20.21
CA ALA A 53 7.65 -6.44 -20.19
C ALA A 53 6.84 -5.42 -19.41
N ALA A 54 7.55 -4.49 -18.77
CA ALA A 54 6.89 -3.52 -17.88
C ALA A 54 7.64 -2.19 -17.94
N MET A 55 6.93 -1.13 -17.55
CA MET A 55 7.49 0.21 -17.44
C MET A 55 7.02 0.82 -16.12
N ARG A 56 7.94 1.49 -15.43
CA ARG A 56 7.64 2.07 -14.12
C ARG A 56 7.21 3.51 -14.27
N LEU A 57 6.39 3.97 -13.32
CA LEU A 57 5.80 5.30 -13.37
C LEU A 57 6.88 6.37 -13.24
N PRO A 58 7.02 7.27 -14.20
CA PRO A 58 7.98 8.37 -14.06
C PRO A 58 7.49 9.40 -13.05
N ARG A 59 8.44 10.03 -12.37
CA ARG A 59 8.15 11.02 -11.33
C ARG A 59 9.14 12.17 -11.50
N ARG A 60 8.68 13.29 -12.05
CA ARG A 60 9.56 14.40 -12.33
C ARG A 60 9.87 15.20 -11.07
N ASN A 61 11.04 15.81 -11.05
CA ASN A 61 11.50 16.59 -9.90
C ASN A 61 10.81 17.94 -9.90
N ILE A 62 9.91 18.16 -8.93
CA ILE A 62 9.12 19.37 -8.85
C ILE A 62 9.75 20.40 -7.91
N ALA A 63 11.00 20.18 -7.50
CA ALA A 63 11.66 21.12 -6.60
C ALA A 63 11.92 22.44 -7.31
N SER A 64 11.90 23.52 -6.52
CA SER A 64 12.11 24.87 -7.02
C SER A 64 13.47 25.44 -6.64
N TYR A 65 14.38 24.62 -6.16
CA TYR A 65 15.70 25.06 -5.71
C TYR A 65 16.78 24.27 -6.43
N LYS A 66 17.84 24.96 -6.84
CA LYS A 66 19.05 24.29 -7.27
C LYS A 66 19.77 23.71 -6.06
N GLN A 67 20.87 23.00 -6.32
CA GLN A 67 21.61 22.38 -5.22
C GLN A 67 22.32 23.41 -4.34
N ASP A 68 22.38 24.67 -4.76
CA ASP A 68 22.93 25.74 -3.93
C ASP A 68 21.88 26.79 -3.60
N GLY A 69 21.23 27.39 -4.59
CA GLY A 69 20.31 28.49 -4.36
C GLY A 69 19.09 28.37 -5.25
N THR A 70 18.18 29.34 -5.09
CA THR A 70 16.88 29.27 -5.73
C THR A 70 17.00 29.14 -7.26
N GLU A 71 15.93 28.63 -7.86
CA GLU A 71 15.89 28.35 -9.29
C GLU A 71 16.05 29.61 -10.11
N ILE A 72 17.19 29.74 -10.79
CA ILE A 72 17.39 30.88 -11.70
C ILE A 72 16.33 30.93 -12.79
N PRO A 73 15.89 29.81 -13.38
CA PRO A 73 14.71 29.86 -14.25
C PRO A 73 13.52 30.50 -13.52
N ASP A 74 12.78 31.33 -14.25
CA ASP A 74 11.81 32.22 -13.64
C ASP A 74 10.61 31.44 -13.10
N LYS A 75 10.66 31.12 -11.80
CA LYS A 75 9.58 30.40 -11.11
C LYS A 75 9.28 29.06 -11.81
N HIS A 76 10.32 28.41 -12.30
CA HIS A 76 10.22 27.08 -12.88
C HIS A 76 10.54 26.03 -11.81
N GLN A 77 10.46 24.77 -12.22
CA GLN A 77 10.82 23.65 -11.36
C GLN A 77 12.02 22.92 -11.93
N ALA A 78 12.58 22.03 -11.12
CA ALA A 78 13.84 21.38 -11.48
C ALA A 78 13.70 20.54 -12.75
N GLU A 79 12.58 19.83 -12.88
CA GLU A 79 12.37 18.91 -14.00
C GLU A 79 10.91 19.04 -14.44
N GLU A 80 10.67 19.90 -15.43
CA GLU A 80 9.31 20.15 -15.91
C GLU A 80 8.87 19.18 -17.00
N HIS A 81 9.80 18.47 -17.63
CA HIS A 81 9.47 17.47 -18.64
C HIS A 81 10.32 16.23 -18.39
N LEU A 82 9.67 15.12 -18.05
CA LEU A 82 10.35 13.85 -17.80
C LEU A 82 9.82 12.80 -18.76
N PRO A 83 10.47 12.55 -19.89
CA PRO A 83 10.02 11.51 -20.81
C PRO A 83 10.37 10.12 -20.28
N LEU A 84 9.82 9.12 -20.96
CA LEU A 84 10.18 7.74 -20.67
C LEU A 84 11.55 7.41 -21.25
N LYS A 85 12.13 6.32 -20.78
CA LYS A 85 13.46 5.89 -21.19
C LYS A 85 13.39 4.49 -21.77
N GLU A 86 14.03 4.29 -22.92
CA GLU A 86 14.06 2.96 -23.52
C GLU A 86 14.86 1.98 -22.67
N LYS A 87 15.82 2.48 -21.88
CA LYS A 87 16.63 1.62 -21.04
C LYS A 87 15.97 1.32 -19.70
N ASP A 88 14.78 1.87 -19.43
CA ASP A 88 14.04 1.60 -18.22
C ASP A 88 12.94 0.56 -18.42
N ILE A 89 12.93 -0.11 -19.57
CA ILE A 89 11.93 -1.13 -19.85
C ILE A 89 12.33 -2.41 -19.13
N LEU A 90 11.48 -2.87 -18.21
CA LEU A 90 11.75 -4.09 -17.46
C LEU A 90 11.26 -5.30 -18.24
N PHE A 91 12.08 -6.35 -18.27
CA PHE A 91 11.73 -7.60 -18.92
C PHE A 91 11.50 -8.66 -17.85
N LEU A 92 10.38 -9.37 -17.96
CA LEU A 92 9.90 -10.28 -16.93
C LEU A 92 10.07 -11.73 -17.36
N ASP A 93 9.99 -12.62 -16.38
CA ASP A 93 10.10 -14.05 -16.62
C ASP A 93 9.24 -14.78 -15.60
N GLY A 94 8.87 -16.01 -15.95
CA GLY A 94 8.07 -16.85 -15.07
C GLY A 94 6.61 -16.89 -15.48
N THR A 95 5.82 -17.49 -14.61
CA THR A 95 4.39 -17.60 -14.84
C THR A 95 3.73 -16.23 -14.75
N LEU A 96 2.43 -16.19 -15.07
CA LEU A 96 1.68 -14.95 -15.00
C LEU A 96 1.66 -14.41 -13.57
N LYS A 97 1.41 -15.29 -12.59
CA LYS A 97 1.42 -14.86 -11.20
C LYS A 97 2.83 -14.46 -10.76
N GLU A 98 3.85 -15.21 -11.18
CA GLU A 98 5.21 -14.93 -10.74
C GLU A 98 5.70 -13.58 -11.28
N GLN A 99 5.34 -13.24 -12.52
CA GLN A 99 5.73 -11.94 -13.07
C GLN A 99 5.08 -10.80 -12.29
N ALA A 100 3.81 -10.95 -11.92
CA ALA A 100 3.12 -9.90 -11.18
C ALA A 100 3.73 -9.71 -9.79
N ASP A 101 4.10 -10.81 -9.13
CA ASP A 101 4.67 -10.72 -7.79
C ASP A 101 6.00 -9.99 -7.79
N LYS A 102 6.80 -10.16 -8.85
CA LYS A 102 8.06 -9.44 -8.95
C LYS A 102 7.82 -7.93 -9.00
N LEU A 103 6.84 -7.50 -9.78
CA LEU A 103 6.50 -6.08 -9.82
C LEU A 103 5.95 -5.60 -8.48
N LYS A 104 5.14 -6.43 -7.81
CA LYS A 104 4.65 -6.08 -6.49
C LYS A 104 5.80 -5.98 -5.49
N LYS A 105 6.81 -6.85 -5.64
CA LYS A 105 7.97 -6.79 -4.76
C LYS A 105 8.73 -5.49 -4.93
N LYS A 106 8.86 -5.02 -6.18
CA LYS A 106 9.58 -3.77 -6.44
C LYS A 106 8.92 -2.59 -5.72
N ILE A 107 7.59 -2.54 -5.75
CA ILE A 107 6.87 -1.49 -5.04
C ILE A 107 7.03 -1.66 -3.53
N ASN A 108 6.88 -2.89 -3.04
CA ASN A 108 7.02 -3.14 -1.61
C ASN A 108 8.45 -2.95 -1.11
N GLU A 109 9.43 -3.01 -2.01
CA GLU A 109 10.81 -2.72 -1.59
C GLU A 109 11.00 -1.22 -1.33
N ARG A 110 10.22 -0.37 -1.99
CA ARG A 110 10.39 1.07 -1.86
C ARG A 110 9.60 1.65 -0.68
N TYR A 111 8.42 1.12 -0.38
CA TYR A 111 7.59 1.64 0.69
C TYR A 111 7.21 0.53 1.65
N SER A 112 7.11 0.88 2.93
CA SER A 112 7.04 -0.10 4.00
C SER A 112 5.81 -1.01 3.93
N ASP A 113 4.63 -0.44 4.11
CA ASP A 113 3.40 -1.24 4.23
C ASP A 113 2.26 -0.57 3.48
N VAL A 114 2.52 -0.08 2.27
CA VAL A 114 1.50 0.56 1.47
C VAL A 114 0.68 -0.51 0.75
N ARG A 115 -0.61 -0.23 0.57
CA ARG A 115 -1.47 -1.13 -0.19
C ARG A 115 -1.13 -1.06 -1.67
N VAL A 116 -1.06 -2.22 -2.31
CA VAL A 116 -0.74 -2.33 -3.73
C VAL A 116 -2.02 -2.68 -4.46
N ILE A 117 -2.34 -1.93 -5.51
CA ILE A 117 -3.54 -2.14 -6.31
C ILE A 117 -3.15 -2.88 -7.58
N THR A 118 -3.89 -3.95 -7.89
CA THR A 118 -3.66 -4.73 -9.09
C THR A 118 -4.85 -4.60 -10.03
N SER A 119 -4.66 -5.09 -11.24
CA SER A 119 -5.69 -5.07 -12.28
C SER A 119 -6.50 -6.36 -12.33
N LYS A 120 -6.39 -7.21 -11.30
CA LYS A 120 -7.07 -8.49 -11.33
C LYS A 120 -8.58 -8.34 -11.44
N LYS A 121 -9.13 -7.25 -10.91
CA LYS A 121 -10.57 -7.02 -11.03
C LYS A 121 -10.95 -6.66 -12.46
N GLU A 122 -10.10 -5.89 -13.15
CA GLU A 122 -10.40 -5.50 -14.52
C GLU A 122 -10.22 -6.67 -15.49
N GLU A 123 -9.26 -7.55 -15.23
CA GLU A 123 -8.97 -8.66 -16.14
C GLU A 123 -10.03 -9.76 -16.08
N GLU A 124 -10.96 -9.70 -15.13
CA GLU A 124 -11.93 -10.79 -14.97
C GLU A 124 -12.81 -10.94 -16.20
N LYS A 125 -13.24 -9.83 -16.80
CA LYS A 125 -14.18 -9.91 -17.91
C LYS A 125 -13.55 -10.46 -19.19
N TYR A 126 -12.23 -10.63 -19.23
CA TYR A 126 -11.57 -11.18 -20.41
C TYR A 126 -11.24 -12.66 -20.29
N GLN A 127 -11.09 -13.18 -19.07
CA GLN A 127 -10.84 -14.60 -18.83
C GLN A 127 -9.62 -15.11 -19.61
N TYR A 128 -8.53 -14.34 -19.53
CA TYR A 128 -7.31 -14.73 -20.20
C TYR A 128 -6.76 -16.02 -19.60
N GLN A 129 -6.20 -16.88 -20.46
CA GLN A 129 -5.64 -18.15 -20.03
C GLN A 129 -4.12 -18.18 -20.07
N PHE A 130 -3.48 -17.36 -20.90
CA PHE A 130 -2.03 -17.35 -20.98
C PHE A 130 -1.42 -15.96 -21.06
N VAL A 131 -2.22 -14.89 -21.01
CA VAL A 131 -1.71 -13.53 -21.17
C VAL A 131 -2.32 -12.62 -20.13
N ARG A 132 -1.68 -11.46 -19.95
CA ARG A 132 -2.19 -10.38 -19.11
C ARG A 132 -1.76 -9.06 -19.71
N ALA A 133 -2.65 -8.07 -19.65
CA ALA A 133 -2.34 -6.68 -19.99
C ALA A 133 -2.89 -5.84 -18.84
N GLY A 134 -2.11 -5.71 -17.78
CA GLY A 134 -2.60 -5.07 -16.58
C GLY A 134 -1.63 -4.12 -15.91
N TYR A 135 -1.86 -3.83 -14.63
CA TYR A 135 -1.07 -2.85 -13.92
C TYR A 135 -0.95 -3.26 -12.45
N VAL A 136 0.13 -2.79 -11.82
CA VAL A 136 0.30 -2.84 -10.38
C VAL A 136 0.80 -1.47 -9.94
N PHE A 137 0.20 -0.91 -8.89
CA PHE A 137 0.58 0.42 -8.46
C PHE A 137 0.17 0.60 -7.00
N THR A 138 0.64 1.71 -6.42
CA THR A 138 0.29 2.11 -5.08
C THR A 138 0.11 3.62 -5.04
N ARG A 139 -0.66 4.08 -4.05
CA ARG A 139 -0.86 5.50 -3.82
C ARG A 139 0.01 6.04 -2.71
N ALA A 140 0.75 5.18 -2.01
CA ALA A 140 1.67 5.55 -0.94
C ALA A 140 0.97 6.40 0.12
N GLU A 141 -0.09 5.82 0.69
CA GLU A 141 -0.85 6.49 1.74
C GLU A 141 0.06 6.73 2.94
N GLY A 142 0.10 7.99 3.40
CA GLY A 142 0.89 8.34 4.56
C GLY A 142 2.38 8.43 4.32
N LYS A 143 2.84 8.33 3.07
CA LYS A 143 4.26 8.39 2.74
C LYS A 143 4.58 9.72 2.07
N ASP A 144 5.55 10.43 2.62
CA ASP A 144 5.96 11.71 2.06
C ASP A 144 6.71 11.52 0.75
N ASN A 145 6.95 12.64 0.07
CA ASN A 145 7.64 12.61 -1.21
C ASN A 145 9.12 12.31 -1.02
N GLU A 146 9.74 11.76 -2.07
CA GLU A 146 11.19 11.60 -2.09
C GLU A 146 11.85 12.98 -2.10
N LYS A 147 12.67 13.25 -1.09
CA LYS A 147 13.22 14.58 -0.88
C LYS A 147 14.72 14.52 -0.64
N GLU A 148 15.42 15.50 -1.17
CA GLU A 148 16.84 15.73 -0.88
C GLU A 148 17.03 17.23 -0.72
N LYS A 149 17.55 17.64 0.44
CA LYS A 149 17.66 19.06 0.78
C LYS A 149 19.12 19.45 0.98
N THR A 150 19.35 20.76 1.05
CA THR A 150 20.67 21.30 1.34
C THR A 150 20.90 21.32 2.84
N SER A 151 22.11 21.75 3.24
CA SER A 151 22.40 21.94 4.66
C SER A 151 21.53 23.05 5.26
N ASP A 152 21.26 24.10 4.48
CA ASP A 152 20.42 25.19 4.98
C ASP A 152 18.98 24.75 5.15
N GLY A 153 18.50 23.84 4.31
CA GLY A 153 17.14 23.36 4.43
C GLY A 153 16.37 23.32 3.11
N LYS A 154 16.81 24.13 2.15
CA LYS A 154 16.14 24.16 0.85
C LYS A 154 16.27 22.82 0.16
N GLU A 155 15.16 22.33 -0.38
CA GLU A 155 15.10 21.02 -1.03
C GLU A 155 15.29 21.20 -2.53
N PHE A 156 16.18 20.40 -3.11
CA PHE A 156 16.44 20.43 -4.54
C PHE A 156 15.95 19.19 -5.27
N VAL A 157 15.41 18.21 -4.55
CA VAL A 157 14.77 17.04 -5.15
C VAL A 157 13.44 16.83 -4.46
N ASN A 158 12.36 16.74 -5.24
CA ASN A 158 11.03 16.48 -4.71
C ASN A 158 10.26 15.69 -5.76
N ARG A 159 10.05 14.40 -5.51
CA ARG A 159 9.31 13.53 -6.41
C ARG A 159 8.14 12.91 -5.66
N PHE A 160 6.99 12.88 -6.32
CA PHE A 160 5.80 12.27 -5.73
C PHE A 160 6.09 10.81 -5.36
N SER A 161 5.57 10.39 -4.21
CA SER A 161 5.79 9.04 -3.73
C SER A 161 4.86 8.01 -4.38
N TYR A 162 4.11 8.40 -5.40
CA TYR A 162 3.37 7.42 -6.19
C TYR A 162 4.35 6.46 -6.86
N ASP A 163 3.85 5.26 -7.15
CA ASP A 163 4.65 4.26 -7.85
C ASP A 163 3.71 3.28 -8.52
N GLY A 164 4.11 2.77 -9.67
CA GLY A 164 3.27 1.83 -10.38
C GLY A 164 3.94 1.29 -11.63
N PHE A 165 3.30 0.27 -12.20
CA PHE A 165 3.74 -0.36 -13.43
C PHE A 165 2.55 -0.57 -14.36
N VAL A 166 2.83 -0.60 -15.65
CA VAL A 166 1.94 -1.19 -16.65
C VAL A 166 2.76 -2.24 -17.40
N TYR A 167 2.15 -3.39 -17.67
CA TYR A 167 2.93 -4.53 -18.15
C TYR A 167 2.05 -5.45 -18.97
N TYR A 168 2.70 -6.30 -19.75
CA TYR A 168 2.08 -7.46 -20.37
C TYR A 168 2.86 -8.71 -19.97
N SER A 169 2.15 -9.81 -19.83
CA SER A 169 2.74 -11.08 -19.46
C SER A 169 2.20 -12.18 -20.36
N GLY A 170 3.02 -13.19 -20.60
CA GLY A 170 2.63 -14.30 -21.45
C GLY A 170 3.17 -15.61 -20.92
N GLU A 171 2.40 -16.66 -21.16
CA GLU A 171 2.80 -18.03 -20.83
C GLU A 171 2.68 -18.90 -22.07
N ARG A 172 3.51 -19.94 -22.13
CA ARG A 172 3.49 -20.93 -23.19
C ARG A 172 3.53 -20.27 -24.56
N PRO A 173 4.68 -19.72 -24.99
CA PRO A 173 4.78 -19.16 -26.34
C PRO A 173 4.39 -20.20 -27.38
N SER A 174 3.59 -19.77 -28.35
CA SER A 174 2.93 -20.71 -29.25
C SER A 174 3.94 -21.49 -30.09
N GLN A 175 3.78 -22.81 -30.10
CA GLN A 175 4.58 -23.66 -30.98
C GLN A 175 3.85 -24.01 -32.27
N SER A 176 2.52 -23.89 -32.30
CA SER A 176 1.73 -24.08 -33.49
C SER A 176 0.73 -22.93 -33.61
N LEU A 177 0.40 -22.58 -34.84
CA LEU A 177 -0.45 -21.45 -35.15
C LEU A 177 -1.56 -21.87 -36.09
N PRO A 178 -2.63 -21.08 -36.21
CA PRO A 178 -3.63 -21.34 -37.24
C PRO A 178 -2.99 -21.42 -38.63
N SER A 179 -3.42 -22.42 -39.39
CA SER A 179 -2.77 -22.72 -40.66
C SER A 179 -2.95 -21.60 -41.67
N ALA A 180 -4.14 -21.04 -41.76
CA ALA A 180 -4.45 -20.03 -42.78
C ALA A 180 -5.64 -19.20 -42.32
N GLY A 181 -6.08 -18.29 -43.19
CA GLY A 181 -7.23 -17.47 -42.91
C GLY A 181 -6.92 -16.26 -42.04
N THR A 182 -7.98 -15.55 -41.69
CA THR A 182 -7.91 -14.40 -40.81
C THR A 182 -8.62 -14.73 -39.50
N VAL A 183 -7.99 -14.42 -38.37
CA VAL A 183 -8.54 -14.76 -37.07
C VAL A 183 -8.76 -13.46 -36.29
N GLN A 184 -9.97 -13.30 -35.76
CA GLN A 184 -10.30 -12.12 -34.98
C GLN A 184 -9.85 -12.32 -33.54
N TYR A 185 -9.18 -11.31 -32.98
CA TYR A 185 -8.77 -11.32 -31.58
C TYR A 185 -9.39 -10.12 -30.87
N SER A 186 -9.74 -10.33 -29.60
CA SER A 186 -10.35 -9.29 -28.78
C SER A 186 -9.62 -9.21 -27.46
N GLY A 187 -9.56 -8.01 -26.89
CA GLY A 187 -8.87 -7.83 -25.62
C GLY A 187 -8.89 -6.41 -25.07
N ASN A 188 -7.80 -6.03 -24.40
CA ASN A 188 -7.68 -4.73 -23.76
C ASN A 188 -6.24 -4.24 -23.90
N TRP A 189 -5.99 -3.04 -23.40
CA TRP A 189 -4.65 -2.47 -23.44
C TRP A 189 -4.48 -1.48 -22.30
N GLN A 190 -3.23 -1.31 -21.87
CA GLN A 190 -2.86 -0.33 -20.86
C GLN A 190 -1.79 0.58 -21.45
N TYR A 191 -1.59 1.73 -20.81
CA TYR A 191 -0.59 2.68 -21.28
C TYR A 191 -0.04 3.48 -20.11
N MET A 192 1.09 4.14 -20.35
CA MET A 192 1.71 5.01 -19.36
C MET A 192 2.45 6.10 -20.11
N THR A 193 2.17 7.35 -19.78
CA THR A 193 2.74 8.48 -20.51
C THR A 193 3.90 9.08 -19.72
N ASP A 194 4.46 10.15 -20.27
CA ASP A 194 5.52 10.91 -19.61
C ASP A 194 4.92 11.90 -18.63
N ALA A 195 5.78 12.71 -18.01
CA ALA A 195 5.36 13.74 -17.08
C ALA A 195 5.71 15.10 -17.66
N LYS A 196 4.69 15.96 -17.81
CA LYS A 196 4.87 17.30 -18.35
C LYS A 196 4.10 18.27 -17.48
N ARG A 197 4.75 19.36 -17.07
CA ARG A 197 4.15 20.26 -16.09
C ARG A 197 2.98 21.03 -16.67
N HIS A 198 3.17 21.62 -17.85
CA HIS A 198 2.17 22.50 -18.46
C HIS A 198 1.79 21.93 -19.83
N ARG A 199 0.78 21.04 -19.82
CA ARG A 199 0.29 20.48 -21.09
C ARG A 199 -0.46 21.53 -21.90
N THR A 200 -1.30 22.33 -21.24
CA THR A 200 -2.08 23.36 -21.91
C THR A 200 -1.46 24.75 -21.80
N GLY A 201 -0.40 24.90 -21.02
CA GLY A 201 0.33 26.16 -20.93
C GLY A 201 -0.14 27.11 -19.84
N LYS A 202 -1.22 26.79 -19.12
CA LYS A 202 -1.72 27.72 -18.11
C LYS A 202 -2.15 27.01 -16.83
N ALA A 203 -1.48 25.91 -16.49
CA ALA A 203 -1.58 25.28 -15.16
C ALA A 203 -3.02 24.87 -14.85
N VAL A 204 -3.50 23.89 -15.60
CA VAL A 204 -4.84 23.37 -15.43
C VAL A 204 -4.77 22.09 -14.60
N SER A 205 -5.92 21.65 -14.09
CA SER A 205 -5.99 20.43 -13.31
C SER A 205 -5.98 19.20 -14.22
N SER A 206 -5.34 18.13 -13.73
CA SER A 206 -5.29 16.88 -14.48
C SER A 206 -6.67 16.27 -14.69
N THR A 207 -7.64 16.59 -13.83
CA THR A 207 -9.00 16.10 -14.01
C THR A 207 -9.62 16.67 -15.29
N ASP A 208 -9.33 17.94 -15.58
CA ASP A 208 -9.84 18.56 -16.79
C ASP A 208 -9.28 17.89 -18.04
N LEU A 209 -8.08 17.31 -17.96
CA LEU A 209 -7.48 16.63 -19.10
C LEU A 209 -7.86 15.16 -19.19
N GLY A 210 -8.56 14.63 -18.21
CA GLY A 210 -9.05 13.26 -18.26
C GLY A 210 -8.31 12.27 -17.40
N TYR A 211 -7.72 12.68 -16.29
CA TYR A 211 -6.98 11.76 -15.44
C TYR A 211 -7.12 12.20 -13.98
N THR A 212 -6.82 11.27 -13.07
CA THR A 212 -6.83 11.57 -11.65
C THR A 212 -5.79 12.66 -11.33
N THR A 213 -6.05 13.39 -10.25
CA THR A 213 -5.24 14.57 -9.90
C THR A 213 -3.76 14.23 -9.92
N TYR A 214 -2.97 15.14 -10.50
CA TYR A 214 -1.51 15.08 -10.57
C TYR A 214 -1.01 14.14 -11.65
N TYR A 215 -1.89 13.33 -12.25
CA TYR A 215 -1.46 12.35 -13.23
C TYR A 215 -1.29 13.02 -14.59
N GLY A 216 -0.11 12.88 -15.16
CA GLY A 216 0.29 13.61 -16.35
C GLY A 216 1.10 14.87 -16.07
N ASN A 217 0.99 15.43 -14.86
CA ASN A 217 1.71 16.64 -14.49
C ASN A 217 2.95 16.34 -13.66
N GLU A 218 2.76 15.76 -12.47
CA GLU A 218 3.90 15.45 -11.60
C GLU A 218 4.40 14.03 -11.80
N ILE A 219 3.53 13.13 -12.23
CA ILE A 219 3.87 11.76 -12.58
C ILE A 219 3.28 11.48 -13.95
N GLY A 220 3.69 10.37 -14.54
CA GLY A 220 3.13 9.98 -15.82
C GLY A 220 1.64 9.69 -15.73
N ALA A 221 0.94 9.96 -16.83
CA ALA A 221 -0.47 9.61 -16.93
C ALA A 221 -0.59 8.13 -17.25
N THR A 222 -1.47 7.43 -16.54
CA THR A 222 -1.59 5.99 -16.65
C THR A 222 -3.01 5.61 -17.01
N SER A 223 -3.15 4.45 -17.68
CA SER A 223 -4.47 3.95 -18.03
C SER A 223 -5.29 3.59 -16.79
N TYR A 224 -4.63 3.23 -15.69
CA TYR A 224 -5.37 2.85 -14.50
C TYR A 224 -5.90 4.05 -13.71
N GLU A 225 -5.54 5.28 -14.11
CA GLU A 225 -6.11 6.49 -13.54
C GLU A 225 -6.85 7.30 -14.60
N ALA A 226 -7.33 6.64 -15.65
CA ALA A 226 -8.14 7.31 -16.65
C ALA A 226 -9.48 7.71 -16.04
N ARG A 227 -9.83 8.98 -16.20
CA ARG A 227 -11.01 9.55 -15.55
C ARG A 227 -12.18 9.79 -16.49
N ASP A 228 -11.92 9.98 -17.79
CA ASP A 228 -12.96 10.29 -18.76
C ASP A 228 -13.31 9.09 -19.63
N ALA A 229 -13.12 7.88 -19.12
CA ALA A 229 -13.42 6.66 -19.86
C ALA A 229 -14.68 6.00 -19.32
N ASP A 230 -15.20 5.04 -20.08
CA ASP A 230 -16.38 4.30 -19.68
C ASP A 230 -15.97 3.26 -18.63
N ASP A 231 -16.53 3.38 -17.43
CA ASP A 231 -16.16 2.48 -16.34
C ASP A 231 -16.48 1.02 -16.67
N ARG A 232 -17.47 0.79 -17.54
CA ARG A 232 -17.82 -0.58 -17.90
C ARG A 232 -16.66 -1.28 -18.61
N GLU A 233 -16.01 -0.60 -19.56
CA GLU A 233 -14.83 -1.13 -20.22
C GLU A 233 -14.03 0.05 -20.77
N LYS A 234 -12.97 0.43 -20.06
CA LYS A 234 -12.27 1.66 -20.38
C LYS A 234 -11.49 1.55 -21.68
N HIS A 235 -10.70 0.49 -21.85
CA HIS A 235 -9.73 0.40 -22.94
C HIS A 235 -9.86 -0.95 -23.66
N PRO A 236 -10.92 -1.13 -24.44
CA PRO A 236 -11.02 -2.36 -25.25
C PRO A 236 -10.03 -2.34 -26.41
N ALA A 237 -9.68 -3.53 -26.86
CA ALA A 237 -8.74 -3.69 -27.98
C ALA A 237 -9.26 -4.72 -28.96
N GLU A 238 -9.03 -4.46 -30.25
CA GLU A 238 -9.42 -5.38 -31.31
C GLU A 238 -8.21 -5.72 -32.16
N TYR A 239 -8.21 -6.93 -32.72
CA TYR A 239 -7.13 -7.38 -33.58
C TYR A 239 -7.70 -8.20 -34.73
N THR A 240 -7.00 -8.15 -35.86
CA THR A 240 -7.31 -8.99 -37.02
C THR A 240 -5.99 -9.51 -37.57
N VAL A 241 -5.74 -10.81 -37.38
CA VAL A 241 -4.48 -11.43 -37.76
C VAL A 241 -4.71 -12.22 -39.04
N ASP A 242 -3.97 -11.88 -40.09
CA ASP A 242 -4.02 -12.59 -41.36
C ASP A 242 -2.86 -13.58 -41.37
N PHE A 243 -3.17 -14.86 -41.18
CA PHE A 243 -2.14 -15.90 -41.22
C PHE A 243 -1.78 -16.31 -42.64
N ASP A 244 -2.56 -15.90 -43.65
CA ASP A 244 -2.18 -16.13 -45.03
C ASP A 244 -0.98 -15.27 -45.40
N ASN A 245 -1.11 -13.96 -45.20
CA ASN A 245 -0.07 -13.00 -45.54
C ASN A 245 0.86 -12.68 -44.38
N LYS A 246 0.68 -13.35 -43.23
CA LYS A 246 1.53 -13.14 -42.04
C LYS A 246 1.54 -11.67 -41.61
N THR A 247 0.37 -11.04 -41.61
CA THR A 247 0.23 -9.65 -41.22
C THR A 247 -0.79 -9.51 -40.10
N LEU A 248 -0.64 -8.43 -39.31
CA LEU A 248 -1.51 -8.18 -38.17
C LEU A 248 -2.05 -6.75 -38.26
N ASN A 249 -3.35 -6.62 -38.00
CA ASN A 249 -4.00 -5.33 -37.88
C ASN A 249 -4.77 -5.28 -36.56
N GLY A 250 -4.85 -4.09 -35.98
CA GLY A 250 -5.51 -3.95 -34.69
C GLY A 250 -5.82 -2.51 -34.38
N LYS A 251 -6.77 -2.33 -33.45
CA LYS A 251 -7.17 -1.01 -32.97
C LYS A 251 -7.13 -1.01 -31.45
N LEU A 252 -6.44 -0.03 -30.88
CA LEU A 252 -6.47 0.24 -29.45
C LEU A 252 -7.48 1.35 -29.21
N ILE A 253 -8.55 1.05 -28.48
CA ILE A 253 -9.71 1.91 -28.40
C ILE A 253 -9.95 2.30 -26.95
N LYS A 254 -10.45 3.53 -26.78
CA LYS A 254 -10.86 4.05 -25.47
C LYS A 254 -12.35 4.37 -25.53
N ASN A 255 -13.13 3.73 -24.66
CA ASN A 255 -14.55 4.03 -24.56
C ASN A 255 -14.73 5.32 -23.78
N GLN A 256 -15.30 6.34 -24.43
CA GLN A 256 -15.39 7.65 -23.82
C GLN A 256 -16.46 7.68 -22.73
N TYR A 257 -16.41 8.73 -21.91
CA TYR A 257 -17.32 8.85 -20.79
C TYR A 257 -18.76 8.97 -21.25
N VAL A 258 -19.66 8.32 -20.51
CA VAL A 258 -21.09 8.39 -20.73
C VAL A 258 -21.74 8.96 -19.47
N GLN A 259 -22.62 9.95 -19.66
CA GLN A 259 -23.14 10.70 -18.52
C GLN A 259 -24.00 9.83 -17.62
N ASN A 260 -24.97 9.12 -18.19
CA ASN A 260 -25.97 8.40 -17.41
C ASN A 260 -25.54 6.95 -17.24
N LYS A 261 -25.33 6.55 -15.98
CA LYS A 261 -24.93 5.19 -15.65
C LYS A 261 -26.09 4.34 -15.14
N SER A 262 -27.32 4.89 -15.16
CA SER A 262 -28.48 4.12 -14.71
C SER A 262 -28.91 3.08 -15.73
N ASN A 263 -28.75 3.37 -17.03
CA ASN A 263 -29.12 2.42 -18.07
C ASN A 263 -27.94 1.49 -18.36
N PRO A 264 -28.08 0.19 -18.13
CA PRO A 264 -26.93 -0.71 -18.34
C PRO A 264 -26.50 -0.81 -19.80
N ASN A 265 -27.36 -0.47 -20.75
CA ASN A 265 -27.06 -0.60 -22.17
C ASN A 265 -27.16 0.74 -22.89
N GLU A 266 -26.75 1.82 -22.23
CA GLU A 266 -26.55 3.06 -22.95
C GLU A 266 -25.42 2.88 -23.94
N PRO A 267 -25.56 3.37 -25.18
CA PRO A 267 -24.55 3.07 -26.21
C PRO A 267 -23.16 3.52 -25.81
N LYS A 268 -22.18 2.68 -26.14
CA LYS A 268 -20.79 3.02 -25.90
C LYS A 268 -20.35 4.13 -26.85
N LYS A 269 -19.22 4.74 -26.52
CA LYS A 269 -18.61 5.79 -27.36
C LYS A 269 -17.16 5.42 -27.62
N PRO A 270 -16.92 4.40 -28.43
CA PRO A 270 -15.53 4.00 -28.73
C PRO A 270 -14.79 5.09 -29.48
N LEU A 271 -13.51 5.23 -29.16
CA LEU A 271 -12.63 6.18 -29.83
C LEU A 271 -11.30 5.49 -30.09
N THR A 272 -10.95 5.32 -31.36
CA THR A 272 -9.69 4.69 -31.71
C THR A 272 -8.55 5.63 -31.38
N ILE A 273 -7.60 5.15 -30.57
CA ILE A 273 -6.41 5.91 -30.21
C ILE A 273 -5.22 5.55 -31.09
N TYR A 274 -4.93 4.25 -31.21
CA TYR A 274 -3.82 3.76 -32.02
C TYR A 274 -4.32 2.77 -33.05
N ASP A 275 -3.69 2.80 -34.23
CA ASP A 275 -3.89 1.80 -35.27
C ASP A 275 -2.65 0.93 -35.33
N ILE A 276 -2.84 -0.39 -35.20
CA ILE A 276 -1.74 -1.33 -35.07
C ILE A 276 -1.54 -2.06 -36.39
N THR A 277 -0.29 -2.10 -36.84
CA THR A 277 0.12 -2.91 -37.99
C THR A 277 1.37 -3.68 -37.60
N ALA A 278 1.43 -4.95 -37.99
CA ALA A 278 2.57 -5.79 -37.65
C ALA A 278 2.68 -6.92 -38.65
N THR A 279 3.90 -7.47 -38.75
CA THR A 279 4.19 -8.60 -39.62
C THR A 279 4.71 -9.75 -38.78
N LEU A 280 4.24 -10.95 -39.08
CA LEU A 280 4.53 -12.11 -38.25
C LEU A 280 5.89 -12.71 -38.57
N ASP A 281 6.52 -13.29 -37.54
CA ASP A 281 7.80 -13.99 -37.67
C ASP A 281 7.89 -15.02 -36.55
N GLY A 282 7.89 -16.29 -36.90
CA GLY A 282 7.78 -17.32 -35.88
C GLY A 282 6.44 -17.21 -35.18
N ASN A 283 6.47 -17.28 -33.84
CA ASN A 283 5.29 -17.04 -33.04
C ASN A 283 5.22 -15.60 -32.51
N ARG A 284 5.96 -14.69 -33.14
CA ARG A 284 6.02 -13.31 -32.71
C ARG A 284 5.85 -12.39 -33.91
N PHE A 285 5.66 -11.11 -33.63
CA PHE A 285 5.43 -10.12 -34.67
C PHE A 285 6.01 -8.78 -34.25
N THR A 286 6.41 -7.98 -35.24
CA THR A 286 6.91 -6.64 -35.03
C THR A 286 6.21 -5.68 -35.98
N GLY A 287 6.02 -4.45 -35.54
CA GLY A 287 5.33 -3.47 -36.35
C GLY A 287 5.32 -2.08 -35.76
N SER A 288 4.25 -1.33 -36.02
CA SER A 288 4.16 0.07 -35.63
C SER A 288 2.79 0.36 -35.04
N ALA A 289 2.75 1.42 -34.23
CA ALA A 289 1.51 1.97 -33.69
C ALA A 289 1.41 3.43 -34.13
N LYS A 290 0.25 3.81 -34.64
CA LYS A 290 0.04 5.16 -35.18
C LYS A 290 -1.21 5.76 -34.57
N VAL A 291 -1.10 7.00 -34.12
CA VAL A 291 -2.25 7.72 -33.55
C VAL A 291 -3.30 7.93 -34.64
N SER A 292 -4.55 7.62 -34.32
CA SER A 292 -5.63 7.81 -35.28
C SER A 292 -5.84 9.29 -35.56
N THR A 293 -6.28 9.59 -36.79
CA THR A 293 -6.52 10.98 -37.17
C THR A 293 -7.71 11.57 -36.44
N GLU A 294 -8.67 10.73 -36.02
CA GLU A 294 -9.81 11.23 -35.27
C GLU A 294 -9.36 11.86 -33.95
N VAL A 295 -8.36 11.27 -33.31
CA VAL A 295 -7.78 11.88 -32.11
C VAL A 295 -7.16 13.23 -32.44
N LYS A 296 -6.44 13.30 -33.57
CA LYS A 296 -5.73 14.53 -33.92
C LYS A 296 -6.70 15.67 -34.20
N THR A 297 -7.74 15.42 -34.99
CA THR A 297 -8.59 16.50 -35.46
C THR A 297 -9.73 16.83 -34.50
N GLN A 298 -10.31 15.82 -33.85
CA GLN A 298 -11.46 16.05 -32.98
C GLN A 298 -11.03 16.41 -31.55
N HIS A 299 -10.30 15.50 -30.91
CA HIS A 299 -9.85 15.70 -29.54
C HIS A 299 -8.46 16.32 -29.48
N ALA A 300 -8.31 17.46 -30.16
CA ALA A 300 -7.01 18.11 -30.26
C ALA A 300 -6.53 18.65 -28.92
N ASP A 301 -7.45 19.06 -28.05
CA ASP A 301 -7.09 19.70 -26.79
C ASP A 301 -7.26 18.80 -25.57
N LYS A 302 -7.77 17.58 -25.74
CA LYS A 302 -7.86 16.65 -24.60
C LYS A 302 -6.99 15.40 -24.79
N GLU A 303 -7.21 14.64 -25.85
CA GLU A 303 -6.50 13.39 -26.04
C GLU A 303 -5.19 13.56 -26.80
N TYR A 304 -5.13 14.51 -27.73
CA TYR A 304 -3.91 14.76 -28.49
C TYR A 304 -2.77 15.26 -27.61
N LEU A 305 -3.08 15.77 -26.42
CA LEU A 305 -2.04 16.20 -25.49
C LEU A 305 -1.19 15.03 -24.98
N PHE A 306 -1.74 13.82 -25.01
CA PHE A 306 -1.02 12.63 -24.55
C PHE A 306 -0.70 11.64 -25.64
N PHE A 307 -1.51 11.57 -26.70
CA PHE A 307 -1.29 10.66 -27.83
C PHE A 307 -1.07 11.53 -29.07
N HIS A 308 0.19 11.90 -29.31
CA HIS A 308 0.54 12.82 -30.38
C HIS A 308 1.67 12.36 -31.29
N THR A 309 2.39 11.30 -30.92
CA THR A 309 3.51 10.81 -31.71
C THR A 309 3.38 9.31 -31.87
N ASP A 310 3.70 8.81 -33.06
CA ASP A 310 3.55 7.40 -33.38
C ASP A 310 4.69 6.57 -32.79
N ALA A 311 4.54 5.25 -32.87
CA ALA A 311 5.59 4.30 -32.54
C ALA A 311 5.92 3.54 -33.81
N ASP A 312 6.80 4.11 -34.63
CA ASP A 312 7.14 3.55 -35.93
C ASP A 312 8.26 2.54 -35.78
N GLN A 313 7.98 1.28 -36.13
CA GLN A 313 8.93 0.17 -35.95
C GLN A 313 9.38 0.07 -34.49
N ARG A 314 8.45 0.32 -33.58
CA ARG A 314 8.71 0.26 -32.15
C ARG A 314 7.63 -0.53 -31.42
N LEU A 315 6.98 -1.46 -32.14
CA LEU A 315 5.96 -2.32 -31.59
C LEU A 315 6.36 -3.78 -31.82
N GLU A 316 6.18 -4.60 -30.79
CA GLU A 316 6.49 -6.01 -30.90
C GLU A 316 5.53 -6.79 -30.00
N GLY A 317 5.37 -8.07 -30.32
CA GLY A 317 4.50 -8.93 -29.55
C GLY A 317 4.69 -10.38 -29.93
N GLY A 318 3.78 -11.20 -29.43
CA GLY A 318 3.84 -12.62 -29.73
C GLY A 318 2.52 -13.29 -29.40
N PHE A 319 2.40 -14.53 -29.86
CA PHE A 319 1.23 -15.36 -29.60
C PHE A 319 1.53 -16.34 -28.47
N PHE A 320 0.54 -16.58 -27.63
CA PHE A 320 0.70 -17.43 -26.46
C PHE A 320 -0.43 -18.46 -26.42
N GLY A 321 -0.14 -19.57 -25.75
CA GLY A 321 -0.98 -20.75 -25.88
C GLY A 321 -0.49 -21.69 -26.95
N ASP A 322 -0.76 -22.98 -26.77
CA ASP A 322 -0.17 -23.99 -27.64
C ASP A 322 -0.59 -23.81 -29.10
N ASN A 323 -1.74 -23.20 -29.35
CA ASN A 323 -2.26 -23.05 -30.70
C ASN A 323 -2.54 -21.59 -31.05
N GLY A 324 -1.79 -20.67 -30.45
CA GLY A 324 -1.98 -19.26 -30.76
C GLY A 324 -3.33 -18.73 -30.33
N GLU A 325 -3.84 -19.18 -29.20
CA GLU A 325 -5.17 -18.75 -28.75
C GLU A 325 -5.15 -17.29 -28.30
N GLU A 326 -4.03 -16.81 -27.78
CA GLU A 326 -3.97 -15.46 -27.22
C GLU A 326 -2.69 -14.78 -27.69
N LEU A 327 -2.73 -13.45 -27.65
CA LEU A 327 -1.58 -12.63 -28.05
C LEU A 327 -1.36 -11.53 -27.02
N ALA A 328 -0.14 -11.03 -26.97
CA ALA A 328 0.22 -9.93 -26.10
C ALA A 328 1.42 -9.20 -26.70
N GLY A 329 1.51 -7.91 -26.42
CA GLY A 329 2.59 -7.13 -26.97
C GLY A 329 2.72 -5.79 -26.29
N ARG A 330 3.57 -4.94 -26.87
CA ARG A 330 3.90 -3.65 -26.28
C ARG A 330 4.36 -2.70 -27.37
N PHE A 331 4.53 -1.43 -27.00
CA PHE A 331 5.06 -0.42 -27.90
C PHE A 331 5.48 0.78 -27.07
N ILE A 332 6.42 1.55 -27.61
CA ILE A 332 6.81 2.84 -27.05
C ILE A 332 6.95 3.83 -28.21
N SER A 333 6.36 5.01 -28.05
CA SER A 333 6.29 5.96 -29.15
C SER A 333 7.67 6.50 -29.52
N ASN A 334 7.71 7.27 -30.60
CA ASN A 334 8.98 7.77 -31.13
C ASN A 334 9.68 8.67 -30.11
N ASP A 335 8.95 9.56 -29.46
CA ASP A 335 9.53 10.52 -28.53
C ASP A 335 9.45 10.05 -27.08
N ASN A 336 9.21 8.76 -26.86
CA ASN A 336 9.11 8.18 -25.52
C ASN A 336 8.02 8.86 -24.69
N SER A 337 6.93 9.27 -25.33
CA SER A 337 5.83 9.90 -24.64
C SER A 337 4.77 8.92 -24.15
N VAL A 338 4.67 7.74 -24.78
CA VAL A 338 3.70 6.72 -24.39
C VAL A 338 4.37 5.36 -24.44
N PHE A 339 4.17 4.57 -23.39
CA PHE A 339 4.50 3.14 -23.38
C PHE A 339 3.21 2.37 -23.18
N GLY A 340 2.82 1.59 -24.19
CA GLY A 340 1.58 0.85 -24.17
C GLY A 340 1.81 -0.65 -24.14
N VAL A 341 0.89 -1.37 -23.51
CA VAL A 341 0.85 -2.82 -23.52
C VAL A 341 -0.56 -3.24 -23.90
N PHE A 342 -0.68 -4.46 -24.43
CA PHE A 342 -1.97 -4.92 -24.92
C PHE A 342 -2.00 -6.44 -24.90
N ALA A 343 -3.21 -6.98 -24.94
CA ALA A 343 -3.41 -8.43 -24.95
C ALA A 343 -4.64 -8.74 -25.81
N GLY A 344 -4.68 -9.97 -26.32
CA GLY A 344 -5.77 -10.40 -27.17
C GLY A 344 -6.08 -11.87 -26.96
N LYS A 345 -7.29 -12.24 -27.37
CA LYS A 345 -7.79 -13.61 -27.23
C LYS A 345 -8.70 -13.92 -28.40
N GLN A 346 -8.67 -15.16 -28.86
CA GLN A 346 -9.51 -15.56 -29.99
C GLN A 346 -10.99 -15.38 -29.64
N LYS A 347 -11.73 -14.80 -30.58
CA LYS A 347 -13.14 -14.47 -30.38
C LYS A 347 -13.98 -15.71 -30.08
N THR A 356 -8.98 -32.95 -45.02
CA THR A 356 -9.55 -31.77 -45.66
C THR A 356 -8.48 -31.03 -46.47
N LYS A 357 -8.89 -30.37 -47.55
CA LYS A 357 -7.92 -29.67 -48.39
C LYS A 357 -8.54 -28.56 -49.22
N PRO A 358 -9.16 -27.55 -48.61
CA PRO A 358 -9.53 -26.35 -49.38
C PRO A 358 -8.33 -25.45 -49.64
N ALA A 359 -7.51 -25.27 -48.61
CA ALA A 359 -6.33 -24.41 -48.63
C ALA A 359 -5.33 -24.98 -47.63
N LEU A 360 -4.38 -24.16 -47.20
CA LEU A 360 -3.49 -24.57 -46.10
C LEU A 360 -4.27 -24.90 -44.84
N SER A 361 -5.50 -24.39 -44.71
CA SER A 361 -6.35 -24.72 -43.57
C SER A 361 -6.88 -26.15 -43.72
N SER A 362 -6.11 -27.12 -43.25
CA SER A 362 -6.43 -28.54 -43.37
C SER A 362 -6.30 -29.23 -42.02
N GLY A 363 -6.85 -28.60 -40.99
CA GLY A 363 -6.69 -29.06 -39.63
C GLY A 363 -6.55 -27.89 -38.68
N LYS A 364 -6.43 -26.70 -39.25
CA LYS A 364 -6.50 -25.43 -38.53
C LYS A 364 -5.27 -25.15 -37.66
N HIS A 365 -4.35 -26.11 -37.56
CA HIS A 365 -3.18 -25.96 -36.72
C HIS A 365 -1.98 -26.61 -37.37
N THR A 366 -0.93 -25.83 -37.62
CA THR A 366 0.33 -26.33 -38.15
C THR A 366 1.44 -26.02 -37.14
N LYS A 367 2.26 -27.02 -36.85
CA LYS A 367 3.38 -26.82 -35.94
C LYS A 367 4.36 -25.82 -36.54
N ILE A 368 4.70 -24.79 -35.77
CA ILE A 368 5.62 -23.75 -36.23
C ILE A 368 7.04 -24.03 -35.78
N LEU A 369 7.22 -24.56 -34.57
CA LEU A 369 8.54 -24.80 -34.03
C LEU A 369 8.47 -25.95 -33.03
N ASP A 370 9.63 -26.52 -32.73
CA ASP A 370 9.77 -27.56 -31.73
C ASP A 370 10.73 -27.07 -30.65
N SER A 371 10.31 -27.18 -29.39
CA SER A 371 11.16 -26.84 -28.26
C SER A 371 10.67 -27.65 -27.07
N LEU A 372 11.35 -28.77 -26.80
CA LEU A 372 10.94 -29.70 -25.76
C LEU A 372 12.18 -30.27 -25.09
N LYS A 373 12.00 -30.75 -23.86
CA LYS A 373 13.09 -31.35 -23.11
C LYS A 373 12.61 -32.66 -22.47
N ILE A 374 13.56 -33.56 -22.26
CA ILE A 374 13.32 -34.81 -21.55
C ILE A 374 14.01 -34.69 -20.19
N SER A 375 13.24 -34.40 -19.16
CA SER A 375 13.80 -34.18 -17.82
C SER A 375 14.24 -35.50 -17.18
N LYS A 382 25.93 -38.62 -13.03
CA LYS A 382 24.88 -37.92 -12.31
C LYS A 382 23.51 -38.53 -12.60
N ASN A 383 22.64 -38.49 -11.59
CA ASN A 383 21.33 -39.11 -11.69
C ASN A 383 20.37 -38.20 -12.46
N PRO A 384 19.41 -38.80 -13.19
CA PRO A 384 18.46 -37.98 -13.97
C PRO A 384 17.31 -37.43 -13.14
N ARG A 385 16.35 -36.81 -13.82
CA ARG A 385 15.15 -36.24 -13.21
C ARG A 385 13.92 -36.96 -13.79
N GLU A 386 12.74 -36.42 -13.47
CA GLU A 386 11.47 -36.99 -13.93
C GLU A 386 11.48 -37.26 -15.43
N PHE A 387 11.41 -38.53 -15.82
CA PHE A 387 11.52 -38.92 -17.23
C PHE A 387 10.18 -38.67 -17.92
N ALA A 388 9.99 -37.42 -18.33
CA ALA A 388 8.79 -37.03 -19.07
C ALA A 388 9.13 -35.84 -19.95
N ILE A 389 8.30 -35.63 -20.97
CA ILE A 389 8.50 -34.52 -21.89
C ILE A 389 7.71 -33.31 -21.40
N SER A 390 8.14 -32.13 -21.83
CA SER A 390 7.48 -30.88 -21.47
C SER A 390 7.92 -29.80 -22.44
N SER A 391 6.96 -28.98 -22.88
CA SER A 391 7.27 -27.92 -23.84
C SER A 391 8.20 -26.90 -23.20
N MET A 392 9.27 -26.56 -23.90
CA MET A 392 10.23 -25.59 -23.40
C MET A 392 9.97 -24.25 -24.07
N PRO A 393 9.78 -23.16 -23.32
CA PRO A 393 9.40 -21.89 -23.95
C PRO A 393 10.47 -21.42 -24.94
N ASP A 394 10.01 -20.96 -26.10
CA ASP A 394 10.92 -20.53 -27.16
C ASP A 394 10.16 -19.66 -28.15
N PHE A 395 10.92 -18.85 -28.88
CA PHE A 395 10.37 -17.92 -29.86
C PHE A 395 10.58 -18.37 -31.29
N GLY A 396 11.18 -19.52 -31.51
CA GLY A 396 11.49 -20.00 -32.84
C GLY A 396 12.88 -19.70 -33.34
N HIS A 397 13.86 -19.58 -32.45
CA HIS A 397 15.26 -19.33 -32.84
C HIS A 397 16.11 -20.50 -32.38
N PRO A 398 16.46 -21.42 -33.27
CA PRO A 398 17.13 -22.66 -32.82
C PRO A 398 18.46 -22.43 -32.11
N ASP A 399 19.25 -21.46 -32.55
CA ASP A 399 20.55 -21.20 -31.93
C ASP A 399 20.46 -20.28 -30.73
N LYS A 400 19.25 -20.03 -30.22
CA LYS A 400 19.03 -19.20 -29.05
C LYS A 400 18.16 -19.97 -28.07
N LEU A 401 18.53 -19.92 -26.78
CA LEU A 401 17.76 -20.57 -25.73
C LEU A 401 17.14 -19.50 -24.83
N LEU A 402 15.83 -19.57 -24.65
CA LEU A 402 15.12 -18.62 -23.81
C LEU A 402 15.18 -19.11 -22.36
N VAL A 403 16.00 -18.46 -21.54
CA VAL A 403 16.15 -18.80 -20.13
C VAL A 403 15.92 -17.54 -19.30
N GLU A 404 14.90 -17.58 -18.45
CA GLU A 404 14.58 -16.49 -17.53
C GLU A 404 14.41 -15.16 -18.26
N GLY A 405 13.58 -15.18 -19.31
CA GLY A 405 13.18 -13.99 -20.01
C GLY A 405 14.13 -13.52 -21.10
N ARG A 406 15.43 -13.74 -20.92
CA ARG A 406 16.43 -13.31 -21.88
C ARG A 406 16.83 -14.46 -22.80
N GLU A 407 17.09 -14.13 -24.06
CA GLU A 407 17.55 -15.12 -25.03
C GLU A 407 19.08 -15.17 -25.00
N ILE A 408 19.62 -16.34 -24.70
CA ILE A 408 21.06 -16.56 -24.65
C ILE A 408 21.48 -17.33 -25.90
N PRO A 409 22.54 -16.93 -26.59
CA PRO A 409 22.95 -17.66 -27.79
C PRO A 409 23.55 -19.02 -27.44
N LEU A 410 23.39 -19.97 -28.35
CA LEU A 410 23.92 -21.31 -28.20
C LEU A 410 25.17 -21.46 -29.07
N VAL A 411 26.27 -21.87 -28.45
CA VAL A 411 27.54 -22.04 -29.15
C VAL A 411 27.80 -23.52 -29.33
N ASN A 412 28.90 -23.81 -30.05
CA ASN A 412 29.24 -25.17 -30.47
C ASN A 412 29.02 -26.21 -29.37
N LYS A 413 29.64 -26.01 -28.20
CA LYS A 413 29.44 -26.94 -27.09
C LYS A 413 30.01 -26.33 -25.81
N GLU A 414 29.55 -26.87 -24.68
CA GLU A 414 30.18 -26.70 -23.37
C GLU A 414 30.25 -25.22 -22.96
N GLN A 415 29.06 -24.65 -22.75
CA GLN A 415 28.92 -23.31 -22.21
C GLN A 415 28.10 -23.36 -20.92
N THR A 416 28.41 -22.45 -20.00
CA THR A 416 27.75 -22.39 -18.70
C THR A 416 27.04 -21.05 -18.55
N ILE A 417 25.80 -21.09 -18.09
CA ILE A 417 25.02 -19.89 -17.81
C ILE A 417 24.47 -19.99 -16.40
N GLU A 418 24.36 -18.85 -15.73
CA GLU A 418 23.97 -18.80 -14.32
C GLU A 418 22.55 -18.28 -14.18
N LEU A 419 21.78 -18.92 -13.31
CA LEU A 419 20.39 -18.57 -13.11
C LEU A 419 20.24 -17.56 -11.97
N ALA A 420 19.02 -17.06 -11.79
CA ALA A 420 18.74 -16.04 -10.78
C ALA A 420 18.75 -16.60 -9.37
N ASP A 421 18.14 -17.76 -9.16
CA ASP A 421 17.99 -18.28 -7.81
C ASP A 421 19.33 -18.69 -7.20
N GLY A 422 20.31 -19.05 -8.04
CA GLY A 422 21.60 -19.46 -7.53
C GLY A 422 22.10 -20.73 -8.20
N ARG A 423 21.17 -21.52 -8.74
CA ARG A 423 21.55 -22.71 -9.48
C ARG A 423 22.28 -22.32 -10.77
N LYS A 424 23.26 -23.12 -11.15
CA LYS A 424 24.04 -22.90 -12.36
C LYS A 424 23.88 -24.10 -13.28
N THR A 425 23.45 -23.85 -14.52
CA THR A 425 23.23 -24.91 -15.50
C THR A 425 24.27 -24.81 -16.60
N THR A 426 24.81 -25.97 -16.99
CA THR A 426 25.80 -26.07 -18.05
C THR A 426 25.18 -26.86 -19.20
N ILE A 427 25.26 -26.32 -20.41
CA ILE A 427 24.63 -26.93 -21.56
C ILE A 427 25.69 -27.33 -22.58
N ARG A 428 25.37 -28.34 -23.37
N ARG A 428 25.34 -28.33 -23.37
CA ARG A 428 26.18 -28.68 -24.55
CA ARG A 428 26.12 -28.78 -24.52
C ARG A 428 25.24 -29.09 -25.67
C ARG A 428 25.11 -29.05 -25.62
N THR A 429 25.12 -28.23 -26.67
CA THR A 429 24.24 -28.44 -27.80
C THR A 429 25.04 -28.99 -28.98
N CYS A 430 24.31 -29.39 -30.03
CA CYS A 430 24.96 -30.00 -31.19
C CYS A 430 25.60 -28.95 -32.07
N CYS A 431 25.83 -29.37 -33.30
CA CYS A 431 27.05 -29.14 -34.05
C CYS A 431 26.84 -28.11 -35.15
N ASP A 432 27.97 -27.70 -35.73
CA ASP A 432 27.97 -26.53 -36.61
C ASP A 432 27.18 -26.76 -37.89
N PHE A 433 27.05 -28.00 -38.34
CA PHE A 433 26.41 -28.26 -39.62
C PHE A 433 24.89 -28.09 -39.55
N LEU A 434 24.29 -28.40 -38.41
CA LEU A 434 22.85 -28.16 -38.23
C LEU A 434 22.60 -26.69 -37.94
N THR A 435 21.65 -26.09 -38.66
CA THR A 435 21.37 -24.67 -38.53
C THR A 435 19.91 -24.34 -38.21
N TYR A 436 18.95 -25.14 -38.66
CA TYR A 436 17.55 -24.93 -38.34
C TYR A 436 17.02 -25.94 -37.33
N VAL A 437 17.90 -26.75 -36.73
CA VAL A 437 17.53 -27.65 -35.64
C VAL A 437 18.77 -27.87 -34.78
N LYS A 438 18.57 -27.89 -33.46
CA LYS A 438 19.64 -28.09 -32.51
C LYS A 438 19.23 -29.14 -31.49
N ILE A 439 20.18 -29.99 -31.08
CA ILE A 439 19.98 -30.98 -30.05
C ILE A 439 21.15 -30.90 -29.08
N GLY A 440 21.00 -31.58 -27.95
CA GLY A 440 22.05 -31.61 -26.95
C GLY A 440 21.48 -31.97 -25.58
N ARG A 441 22.18 -31.52 -24.54
CA ARG A 441 21.70 -31.74 -23.19
C ARG A 441 22.26 -30.66 -22.27
N MET A 442 21.66 -30.57 -21.08
CA MET A 442 22.05 -29.59 -20.08
C MET A 442 21.78 -30.16 -18.70
N GLN A 443 22.62 -29.78 -17.74
CA GLN A 443 22.43 -30.19 -16.35
C GLN A 443 22.45 -28.95 -15.46
N THR A 444 21.39 -28.79 -14.67
CA THR A 444 21.26 -27.66 -13.76
C THR A 444 21.77 -28.08 -12.38
N GLU A 445 22.73 -27.33 -11.86
CA GLU A 445 23.35 -27.65 -10.58
C GLU A 445 23.34 -26.44 -9.67
N ARG A 446 23.10 -26.67 -8.38
CA ARG A 446 23.22 -25.61 -7.39
C ARG A 446 24.51 -25.85 -6.62
N PRO A 447 25.58 -25.09 -6.90
CA PRO A 447 26.90 -25.35 -6.30
C PRO A 447 27.03 -24.87 -4.86
N ALA A 448 26.10 -25.27 -4.01
CA ALA A 448 26.20 -25.01 -2.57
C ALA A 448 26.32 -26.34 -1.84
N ALA A 449 27.51 -26.91 -1.90
CA ALA A 449 27.96 -27.94 -0.96
C ALA A 449 29.48 -27.94 -1.07
N LYS A 450 30.17 -27.32 -0.11
CA LYS A 450 31.57 -26.97 -0.35
C LYS A 450 32.50 -28.16 -0.09
N PRO A 451 32.82 -28.96 -1.12
CA PRO A 451 33.56 -30.20 -0.88
C PRO A 451 35.09 -30.13 -0.88
N LYS A 452 35.63 -29.86 -2.06
CA LYS A 452 36.99 -30.24 -2.42
C LYS A 452 37.29 -29.83 -3.86
N ALA A 453 38.40 -30.31 -4.42
CA ALA A 453 38.60 -30.26 -5.86
C ALA A 453 37.62 -31.19 -6.56
N GLN A 454 37.70 -31.22 -7.89
CA GLN A 454 36.84 -32.07 -8.70
C GLN A 454 37.52 -33.41 -9.01
N ARG A 532 14.83 -31.52 -11.47
CA ARG A 532 15.45 -31.30 -12.78
C ARG A 532 16.97 -31.29 -12.65
N ASN A 533 17.61 -32.40 -13.02
CA ASN A 533 19.06 -32.54 -12.89
C ASN A 533 19.76 -32.62 -14.24
N ILE A 534 19.42 -33.57 -15.09
CA ILE A 534 20.03 -33.73 -16.41
C ILE A 534 18.92 -33.91 -17.43
N ASP A 535 18.88 -33.05 -18.44
CA ASP A 535 17.79 -33.02 -19.41
C ASP A 535 18.34 -33.05 -20.82
N LEU A 536 17.63 -33.74 -21.71
CA LEU A 536 17.90 -33.77 -23.14
C LEU A 536 16.83 -32.96 -23.86
N PHE A 537 17.25 -32.09 -24.78
CA PHE A 537 16.33 -31.16 -25.42
C PHE A 537 16.42 -31.26 -26.94
N LEU A 538 15.40 -30.73 -27.60
CA LEU A 538 15.31 -30.66 -29.06
C LEU A 538 14.71 -29.33 -29.45
N LYS A 539 15.40 -28.59 -30.32
CA LYS A 539 14.95 -27.27 -30.74
C LYS A 539 15.11 -27.13 -32.24
N GLY A 540 14.12 -26.51 -32.88
CA GLY A 540 14.20 -26.27 -34.31
C GLY A 540 12.98 -25.49 -34.80
N ILE A 541 13.17 -24.85 -35.94
CA ILE A 541 12.10 -24.11 -36.62
C ILE A 541 11.60 -24.95 -37.78
N ARG A 542 10.30 -25.21 -37.80
CA ARG A 542 9.73 -26.14 -38.76
C ARG A 542 9.69 -25.54 -40.16
N THR A 543 9.40 -26.39 -41.13
CA THR A 543 9.12 -25.97 -42.49
C THR A 543 7.62 -25.75 -42.66
N ALA A 544 7.27 -24.82 -43.55
CA ALA A 544 5.86 -24.59 -43.84
C ALA A 544 5.24 -25.84 -44.46
N GLU A 545 3.98 -26.10 -44.11
CA GLU A 545 3.29 -27.24 -44.69
C GLU A 545 3.17 -27.12 -46.20
N THR A 546 3.06 -25.91 -46.71
CA THR A 546 3.24 -25.68 -48.15
C THR A 546 4.69 -25.34 -48.47
N ASP A 547 5.60 -26.11 -47.88
CA ASP A 547 7.00 -26.05 -48.29
C ASP A 547 7.69 -27.42 -48.24
N ILE A 548 6.98 -28.49 -47.87
CA ILE A 548 7.59 -29.81 -47.81
C ILE A 548 7.49 -30.47 -49.18
N PRO A 549 8.55 -31.08 -49.68
CA PRO A 549 8.48 -31.75 -50.98
C PRO A 549 7.45 -32.87 -50.97
N LYS A 550 6.73 -33.00 -52.08
CA LYS A 550 5.78 -34.09 -52.26
C LYS A 550 6.23 -35.07 -53.34
N THR A 551 7.49 -35.00 -53.76
CA THR A 551 8.00 -35.82 -54.85
C THR A 551 9.48 -36.11 -54.62
N GLY A 552 9.84 -37.38 -54.65
CA GLY A 552 11.23 -37.79 -54.63
C GLY A 552 11.63 -38.42 -53.30
N GLU A 553 12.91 -38.77 -53.23
CA GLU A 553 13.53 -39.38 -52.06
C GLU A 553 14.78 -38.60 -51.70
N ALA A 554 15.05 -38.49 -50.40
CA ALA A 554 16.17 -37.70 -49.91
C ALA A 554 16.88 -38.45 -48.79
N HIS A 555 18.15 -38.11 -48.58
CA HIS A 555 18.99 -38.74 -47.59
C HIS A 555 19.53 -37.69 -46.61
N TYR A 556 19.40 -37.97 -45.32
CA TYR A 556 19.93 -37.13 -44.27
C TYR A 556 20.95 -37.91 -43.44
N THR A 557 21.90 -37.19 -42.85
CA THR A 557 22.85 -37.79 -41.94
C THR A 557 23.25 -36.76 -40.88
N GLY A 558 23.29 -37.20 -39.63
CA GLY A 558 23.53 -36.29 -38.51
C GLY A 558 24.15 -36.96 -37.31
N THR A 559 23.61 -36.68 -36.13
CA THR A 559 24.07 -37.30 -34.88
C THR A 559 22.87 -37.54 -33.98
N TRP A 560 23.14 -38.02 -32.78
CA TRP A 560 22.08 -38.34 -31.83
C TRP A 560 22.65 -38.45 -30.43
N GLU A 561 21.83 -38.11 -29.43
CA GLU A 561 22.18 -38.23 -28.03
C GLU A 561 21.20 -39.18 -27.35
N ALA A 562 21.67 -39.86 -26.30
CA ALA A 562 20.85 -40.84 -25.61
C ALA A 562 21.30 -41.00 -24.17
N ARG A 563 20.33 -41.27 -23.29
CA ARG A 563 20.59 -41.57 -21.89
C ARG A 563 19.79 -42.81 -21.49
N ILE A 564 20.34 -43.60 -20.59
CA ILE A 564 19.76 -44.90 -20.29
C ILE A 564 18.61 -44.78 -19.31
N GLY A 565 18.88 -44.33 -18.09
CA GLY A 565 17.84 -44.22 -17.09
C GLY A 565 18.41 -44.40 -15.69
N LYS A 566 17.51 -44.78 -14.77
CA LYS A 566 17.91 -44.91 -13.36
C LYS A 566 18.78 -46.13 -13.11
N PRO A 567 18.48 -47.33 -13.63
CA PRO A 567 19.46 -48.43 -13.53
C PRO A 567 20.67 -48.15 -14.41
N ILE A 568 21.56 -49.13 -14.57
CA ILE A 568 22.93 -48.88 -15.05
C ILE A 568 22.93 -47.89 -16.20
N GLN A 569 23.64 -46.79 -16.01
CA GLN A 569 23.45 -45.59 -16.82
C GLN A 569 24.41 -45.56 -17.99
N TRP A 570 23.91 -45.07 -19.13
CA TRP A 570 24.68 -45.04 -20.38
C TRP A 570 24.34 -43.76 -21.11
N ASP A 571 25.30 -42.85 -21.20
CA ASP A 571 25.14 -41.60 -21.93
C ASP A 571 25.83 -41.70 -23.28
N ASN A 572 25.27 -41.00 -24.26
CA ASN A 572 25.80 -41.01 -25.63
C ASN A 572 25.85 -39.56 -26.12
N GLN A 573 27.04 -39.01 -26.23
CA GLN A 573 27.19 -37.64 -26.70
C GLN A 573 26.87 -37.54 -28.18
N ALA A 574 26.17 -36.46 -28.55
CA ALA A 574 25.97 -36.14 -29.95
C ALA A 574 27.26 -35.55 -30.50
N ASP A 575 27.82 -36.17 -31.53
CA ASP A 575 29.18 -35.84 -31.96
C ASP A 575 29.25 -35.27 -33.36
N LYS A 576 28.54 -35.87 -34.33
CA LYS A 576 28.73 -35.70 -35.77
C LYS A 576 30.10 -36.16 -36.24
N GLU A 577 30.93 -36.73 -35.36
CA GLU A 577 32.17 -37.37 -35.74
C GLU A 577 32.29 -38.79 -35.18
N ALA A 578 31.37 -39.19 -34.30
CA ALA A 578 31.31 -40.55 -33.79
C ALA A 578 29.95 -41.20 -33.97
N ALA A 579 28.90 -40.41 -34.20
CA ALA A 579 27.55 -40.94 -34.43
C ALA A 579 27.13 -40.65 -35.87
N LYS A 580 26.60 -41.66 -36.54
CA LYS A 580 26.24 -41.53 -37.95
C LYS A 580 24.82 -40.97 -38.13
N ALA A 581 23.83 -41.62 -37.54
CA ALA A 581 22.44 -41.16 -37.54
C ALA A 581 21.97 -40.84 -38.96
N VAL A 582 21.99 -41.86 -39.81
CA VAL A 582 21.59 -41.72 -41.20
C VAL A 582 20.09 -41.84 -41.31
N PHE A 583 19.52 -41.23 -42.35
CA PHE A 583 18.08 -41.24 -42.56
C PHE A 583 17.79 -41.24 -44.06
N THR A 584 16.60 -41.72 -44.41
CA THR A 584 16.13 -41.70 -45.78
C THR A 584 14.61 -41.68 -45.78
N VAL A 585 14.03 -40.83 -46.63
CA VAL A 585 12.58 -40.73 -46.77
C VAL A 585 12.25 -40.43 -48.21
N ASP A 586 11.25 -41.12 -48.73
CA ASP A 586 10.69 -40.85 -50.06
C ASP A 586 9.50 -39.93 -49.86
N PHE A 587 9.69 -38.64 -50.18
CA PHE A 587 8.61 -37.67 -50.02
C PHE A 587 7.40 -38.04 -50.86
N GLY A 588 7.62 -38.63 -52.04
CA GLY A 588 6.51 -39.12 -52.83
C GLY A 588 5.78 -40.28 -52.16
N LYS A 589 6.48 -41.05 -51.34
CA LYS A 589 5.90 -42.21 -50.69
C LYS A 589 5.68 -42.03 -49.19
N LYS A 590 6.40 -41.11 -48.54
CA LYS A 590 6.27 -40.85 -47.10
C LYS A 590 6.56 -42.12 -46.29
N SER A 591 7.81 -42.59 -46.40
CA SER A 591 8.23 -43.84 -45.80
C SER A 591 9.58 -43.68 -45.09
N ILE A 592 9.68 -42.66 -44.24
CA ILE A 592 10.95 -42.32 -43.62
C ILE A 592 11.50 -43.49 -42.81
N SER A 593 12.82 -43.71 -42.92
CA SER A 593 13.50 -44.72 -42.14
C SER A 593 14.94 -44.28 -41.95
N GLY A 594 15.64 -44.96 -41.05
CA GLY A 594 17.03 -44.63 -40.80
C GLY A 594 17.57 -45.39 -39.61
N THR A 595 18.87 -45.21 -39.40
CA THR A 595 19.60 -45.84 -38.30
C THR A 595 20.59 -44.85 -37.73
N LEU A 596 20.89 -45.00 -36.44
CA LEU A 596 21.87 -44.15 -35.76
C LEU A 596 22.94 -45.06 -35.14
N THR A 597 24.07 -45.19 -35.83
CA THR A 597 25.13 -46.09 -35.41
C THR A 597 25.82 -45.56 -34.16
N GLU A 598 26.45 -46.47 -33.42
CA GLU A 598 27.25 -46.12 -32.25
C GLU A 598 28.71 -46.53 -32.40
N GLU A 599 28.98 -47.79 -32.75
CA GLU A 599 30.35 -48.26 -32.93
C GLU A 599 30.63 -48.69 -34.37
N ASN A 600 29.85 -49.62 -34.92
CA ASN A 600 30.05 -50.11 -36.28
C ASN A 600 28.77 -50.81 -36.72
N GLY A 601 28.38 -50.59 -37.97
CA GLY A 601 27.12 -51.12 -38.42
C GLY A 601 25.96 -50.51 -37.65
N VAL A 602 24.91 -51.30 -37.45
CA VAL A 602 23.77 -50.87 -36.65
C VAL A 602 23.54 -51.89 -35.54
N GLU A 603 24.50 -52.81 -35.38
CA GLU A 603 24.34 -53.85 -34.36
C GLU A 603 24.22 -53.27 -32.96
N PRO A 604 25.11 -52.40 -32.50
CA PRO A 604 24.90 -51.72 -31.20
C PRO A 604 24.20 -50.38 -31.37
N ALA A 605 22.96 -50.41 -31.85
CA ALA A 605 22.26 -49.19 -32.21
C ALA A 605 20.76 -49.48 -32.28
N PHE A 606 20.00 -48.47 -32.69
CA PHE A 606 18.57 -48.59 -32.93
C PHE A 606 18.29 -48.59 -34.42
N HIS A 607 17.11 -49.07 -34.78
CA HIS A 607 16.60 -49.02 -36.15
C HIS A 607 15.23 -48.39 -36.14
N ILE A 608 14.98 -47.49 -37.09
CA ILE A 608 13.72 -46.76 -37.19
C ILE A 608 13.07 -47.13 -38.52
N GLU A 609 11.82 -47.61 -38.44
CA GLU A 609 11.11 -48.09 -39.61
C GLU A 609 9.66 -47.64 -39.55
N ASN A 610 8.91 -47.96 -40.61
CA ASN A 610 7.48 -47.66 -40.72
C ASN A 610 7.23 -46.14 -40.61
N GLY A 611 7.73 -45.44 -41.62
CA GLY A 611 7.81 -43.99 -41.57
C GLY A 611 6.51 -43.22 -41.51
N LYS A 612 5.76 -43.19 -42.60
CA LYS A 612 4.45 -42.52 -42.66
C LYS A 612 4.52 -41.08 -42.13
N ILE A 613 5.27 -40.25 -42.84
CA ILE A 613 5.36 -38.84 -42.46
C ILE A 613 3.99 -38.18 -42.62
N GLU A 614 3.71 -37.19 -41.77
CA GLU A 614 2.40 -36.58 -41.70
C GLU A 614 2.55 -35.06 -41.70
N GLY A 615 2.12 -34.43 -42.79
CA GLY A 615 2.11 -32.98 -42.90
C GLY A 615 3.44 -32.33 -42.61
N ASN A 616 3.52 -31.61 -41.49
CA ASN A 616 4.75 -30.93 -41.12
C ASN A 616 5.79 -31.86 -40.52
N GLY A 617 5.35 -32.88 -39.78
CA GLY A 617 6.29 -33.78 -39.11
C GLY A 617 6.12 -35.23 -39.48
N PHE A 618 6.55 -36.13 -38.58
CA PHE A 618 6.44 -37.56 -38.83
C PHE A 618 6.47 -38.31 -37.52
N TYR A 619 6.01 -39.56 -37.57
CA TYR A 619 5.98 -40.47 -36.42
C TYR A 619 6.36 -41.87 -36.89
N ALA A 620 7.19 -42.56 -36.13
CA ALA A 620 7.70 -43.85 -36.56
C ALA A 620 7.75 -44.80 -35.36
N THR A 621 8.40 -45.94 -35.55
CA THR A 621 8.58 -46.95 -34.51
C THR A 621 10.06 -47.25 -34.36
N ALA A 622 10.47 -47.53 -33.11
CA ALA A 622 11.88 -47.72 -32.78
C ALA A 622 12.14 -49.16 -32.39
N ARG A 623 13.11 -49.79 -33.05
CA ARG A 623 13.57 -51.11 -32.69
C ARG A 623 15.09 -51.12 -32.70
N THR A 624 15.67 -52.03 -31.92
CA THR A 624 17.11 -52.24 -31.87
C THR A 624 17.45 -53.61 -32.42
N ARG A 625 18.72 -53.96 -32.34
CA ARG A 625 19.18 -55.29 -32.71
C ARG A 625 18.90 -56.27 -31.58
N GLU A 626 19.53 -57.44 -31.63
CA GLU A 626 19.35 -58.43 -30.57
C GLU A 626 19.68 -57.84 -29.20
N ASN A 627 20.59 -56.87 -29.15
CA ASN A 627 20.93 -56.21 -27.90
C ASN A 627 21.67 -54.91 -28.23
N GLY A 628 22.04 -54.18 -27.19
CA GLY A 628 22.86 -52.99 -27.32
C GLY A 628 24.13 -53.12 -26.52
N ILE A 629 25.20 -52.53 -27.02
CA ILE A 629 26.52 -52.61 -26.40
C ILE A 629 26.76 -51.37 -25.58
N ASN A 630 27.07 -51.55 -24.29
CA ASN A 630 27.36 -50.45 -23.39
C ASN A 630 28.83 -50.32 -23.03
N LEU A 631 29.53 -51.43 -22.82
CA LEU A 631 30.95 -51.39 -22.49
C LEU A 631 31.66 -52.65 -22.97
N SER A 636 34.47 -62.16 -18.34
CA SER A 636 33.03 -62.15 -18.60
C SER A 636 32.31 -61.31 -17.57
N THR A 637 32.57 -60.00 -17.57
CA THR A 637 32.11 -59.16 -16.48
C THR A 637 30.58 -59.09 -16.37
N ASP A 638 29.94 -58.37 -17.29
CA ASP A 638 28.48 -58.35 -17.38
C ASP A 638 28.05 -57.63 -18.65
N PRO A 639 28.15 -58.24 -19.84
CA PRO A 639 27.80 -57.50 -21.07
C PRO A 639 26.45 -56.82 -20.99
N LYS A 640 26.46 -55.50 -20.92
CA LYS A 640 25.27 -54.72 -20.59
C LYS A 640 24.42 -54.56 -21.85
N THR A 641 23.51 -55.51 -22.03
CA THR A 641 22.64 -55.51 -23.20
C THR A 641 21.44 -54.58 -22.98
N PHE A 642 20.93 -54.04 -24.08
CA PHE A 642 19.75 -53.19 -24.07
C PHE A 642 18.78 -53.68 -25.13
N GLN A 643 17.51 -53.79 -24.75
CA GLN A 643 16.46 -54.32 -25.61
C GLN A 643 15.36 -53.28 -25.79
N ALA A 644 14.77 -53.28 -26.98
CA ALA A 644 13.71 -52.32 -27.31
C ALA A 644 12.73 -52.99 -28.26
N SER A 645 11.44 -52.82 -27.99
CA SER A 645 10.37 -53.47 -28.75
C SER A 645 9.40 -52.41 -29.26
N ASN A 646 9.61 -51.97 -30.51
CA ASN A 646 8.73 -51.05 -31.24
C ASN A 646 8.27 -49.88 -30.38
N LEU A 647 9.24 -49.07 -29.97
CA LEU A 647 8.98 -47.85 -29.23
C LEU A 647 8.47 -46.76 -30.18
N ARG A 648 7.94 -45.68 -29.60
CA ARG A 648 7.36 -44.60 -30.37
C ARG A 648 8.42 -43.56 -30.75
N VAL A 649 8.44 -43.19 -32.03
CA VAL A 649 9.33 -42.15 -32.55
C VAL A 649 8.47 -41.06 -33.15
N GLU A 650 8.82 -39.80 -32.86
CA GLU A 650 8.14 -38.66 -33.44
C GLU A 650 9.16 -37.56 -33.74
N GLY A 651 8.87 -36.77 -34.77
CA GLY A 651 9.77 -35.71 -35.17
C GLY A 651 9.19 -34.91 -36.31
N GLY A 652 10.00 -33.98 -36.82
CA GLY A 652 9.58 -33.10 -37.88
C GLY A 652 10.72 -32.63 -38.76
N PHE A 653 10.36 -31.92 -39.82
CA PHE A 653 11.32 -31.35 -40.76
C PHE A 653 11.47 -29.86 -40.50
N TYR A 654 12.70 -29.35 -40.62
CA TYR A 654 13.03 -28.02 -40.12
C TYR A 654 13.66 -27.15 -41.21
N GLY A 655 13.13 -25.93 -41.33
CA GLY A 655 13.76 -24.88 -42.11
C GLY A 655 13.19 -24.68 -43.51
N PRO A 656 14.09 -24.54 -44.47
CA PRO A 656 13.71 -24.52 -45.89
C PRO A 656 13.18 -25.86 -46.37
N GLN A 657 13.34 -26.16 -47.66
CA GLN A 657 12.61 -27.19 -48.40
C GLN A 657 12.76 -28.58 -47.81
N ALA A 658 12.85 -28.65 -46.47
CA ALA A 658 13.17 -29.82 -45.65
C ALA A 658 14.68 -30.06 -45.62
N GLU A 659 15.42 -28.96 -45.50
CA GLU A 659 16.86 -28.99 -45.26
C GLU A 659 17.27 -30.04 -44.23
N GLU A 660 16.63 -30.06 -43.08
CA GLU A 660 17.11 -30.86 -41.96
C GLU A 660 15.99 -31.74 -41.41
N LEU A 661 16.36 -32.52 -40.39
CA LEU A 661 15.50 -33.51 -39.78
C LEU A 661 15.78 -33.55 -38.28
N GLY A 662 14.78 -33.93 -37.50
CA GLY A 662 14.96 -34.06 -36.07
C GLY A 662 13.77 -34.77 -35.46
N GLY A 663 14.01 -35.36 -34.30
CA GLY A 663 12.96 -36.11 -33.63
C GLY A 663 13.40 -36.60 -32.27
N ILE A 664 12.55 -37.44 -31.67
CA ILE A 664 12.75 -37.95 -30.33
C ILE A 664 12.16 -39.34 -30.23
N ILE A 665 12.61 -40.10 -29.23
CA ILE A 665 12.08 -41.42 -28.93
C ILE A 665 11.72 -41.45 -27.45
N PHE A 666 10.48 -41.83 -27.14
CA PHE A 666 9.98 -41.80 -25.78
C PHE A 666 8.78 -42.74 -25.69
N ASN A 667 8.35 -43.03 -24.47
CA ASN A 667 7.24 -43.96 -24.26
C ASN A 667 6.50 -43.59 -22.98
N ASN A 668 5.43 -42.81 -23.12
CA ASN A 668 4.38 -42.70 -22.11
C ASN A 668 3.00 -42.87 -22.71
N ASP A 669 2.76 -42.31 -23.89
CA ASP A 669 1.52 -42.41 -24.64
C ASP A 669 1.82 -41.85 -26.04
N GLY A 670 0.77 -41.64 -26.83
CA GLY A 670 0.95 -40.94 -28.08
C GLY A 670 1.08 -39.44 -27.88
N LYS A 671 1.96 -39.04 -26.97
CA LYS A 671 2.08 -37.65 -26.52
C LYS A 671 3.51 -37.16 -26.76
N SER A 672 3.74 -36.53 -27.91
CA SER A 672 5.04 -35.96 -28.25
C SER A 672 4.80 -34.79 -29.21
N LEU A 673 5.88 -34.37 -29.88
CA LEU A 673 5.80 -33.36 -30.94
C LEU A 673 5.28 -33.98 -32.22
N GLY A 674 5.41 -33.27 -33.33
CA GLY A 674 4.95 -33.77 -34.61
C GLY A 674 3.53 -33.31 -34.87
N ILE A 675 2.55 -34.17 -34.56
CA ILE A 675 1.16 -33.73 -34.57
C ILE A 675 1.04 -32.60 -33.54
N THR A 676 0.14 -31.65 -33.82
CA THR A 676 -0.11 -30.53 -32.91
C THR A 676 -0.28 -31.06 -31.49
N GLU A 677 0.55 -30.55 -30.58
CA GLU A 677 0.86 -31.22 -29.31
C GLU A 677 -0.38 -31.20 -28.41
N GLY A 678 -1.29 -32.15 -28.69
CA GLY A 678 -2.49 -32.32 -27.89
C GLY A 678 -2.35 -33.44 -26.87
N THR A 679 -1.36 -34.32 -27.06
CA THR A 679 -1.02 -35.38 -26.12
C THR A 679 -2.22 -36.31 -25.84
N GLU A 680 -2.63 -37.02 -26.90
CA GLU A 680 -3.72 -38.00 -26.79
C GLU A 680 -3.36 -39.27 -27.57
N ASN A 681 -4.39 -40.05 -27.92
CA ASN A 681 -4.27 -41.26 -28.74
C ASN A 681 -3.36 -42.34 -28.15
N LYS A 682 -3.69 -42.87 -26.97
CA LYS A 682 -2.96 -44.05 -26.46
C LYS A 682 -3.48 -45.35 -27.08
N GLU A 702 -0.77 -47.94 -22.67
CA GLU A 702 -0.33 -46.72 -22.04
C GLU A 702 0.53 -47.01 -20.81
N VAL A 703 1.85 -47.13 -21.03
CA VAL A 703 2.78 -47.48 -19.96
C VAL A 703 3.95 -46.51 -19.96
N LYS A 704 4.65 -46.49 -18.83
CA LYS A 704 5.77 -45.59 -18.57
C LYS A 704 7.08 -46.37 -18.62
N HIS A 705 8.17 -45.63 -18.82
CA HIS A 705 9.51 -46.17 -18.65
C HIS A 705 10.45 -44.99 -18.42
N GLN A 706 11.76 -45.29 -18.38
CA GLN A 706 12.79 -44.28 -18.13
C GLN A 706 13.89 -44.49 -19.16
N PHE A 707 13.76 -43.84 -20.31
CA PHE A 707 14.79 -43.85 -21.35
C PHE A 707 14.52 -42.69 -22.30
N GLY A 708 15.58 -42.14 -22.87
CA GLY A 708 15.44 -41.02 -23.77
C GLY A 708 16.56 -40.87 -24.78
N VAL A 709 16.20 -40.57 -26.03
CA VAL A 709 17.18 -40.36 -27.09
C VAL A 709 16.61 -39.35 -28.08
N VAL A 710 17.43 -38.36 -28.44
CA VAL A 710 17.04 -37.28 -29.35
C VAL A 710 18.05 -37.20 -30.48
N PHE A 711 17.58 -36.97 -31.70
CA PHE A 711 18.44 -36.97 -32.87
C PHE A 711 18.12 -35.77 -33.76
N GLY A 712 19.01 -35.54 -34.73
CA GLY A 712 18.86 -34.49 -35.71
C GLY A 712 19.87 -34.66 -36.84
N ALA A 713 19.46 -34.39 -38.08
CA ALA A 713 20.32 -34.69 -39.22
C ALA A 713 20.12 -33.66 -40.31
N LYS A 714 21.14 -33.52 -41.16
CA LYS A 714 21.09 -32.68 -42.35
C LYS A 714 21.32 -33.52 -43.59
N LYS A 715 20.85 -33.03 -44.72
CA LYS A 715 20.85 -33.79 -45.97
C LYS A 715 22.02 -33.40 -46.86
N ASP A 716 22.38 -34.32 -47.75
CA ASP A 716 23.43 -34.09 -48.75
C ASP A 716 23.17 -35.00 -49.93
N MET A 717 23.80 -34.68 -51.05
CA MET A 717 23.66 -35.48 -52.26
C MET A 717 24.84 -35.29 -53.21
N ARG B 5 -10.81 -18.53 26.51
CA ARG B 5 -11.03 -19.41 27.66
C ARG B 5 -11.19 -18.58 28.92
N SER B 6 -10.09 -17.96 29.36
CA SER B 6 -10.10 -17.09 30.53
C SER B 6 -9.22 -15.89 30.24
N VAL B 7 -9.09 -15.01 31.23
CA VAL B 7 -8.25 -13.81 31.11
C VAL B 7 -6.87 -14.14 31.68
N GLN B 8 -5.85 -13.96 30.86
CA GLN B 8 -4.47 -14.28 31.24
C GLN B 8 -3.79 -12.99 31.67
N TRP B 9 -3.62 -12.80 32.98
CA TRP B 9 -2.91 -11.65 33.51
C TRP B 9 -1.42 -11.95 33.56
N CYS B 10 -0.62 -10.91 33.30
CA CYS B 10 0.83 -11.05 33.22
C CYS B 10 1.48 -10.44 34.45
N ALA B 11 2.35 -11.22 35.10
CA ALA B 11 3.05 -10.79 36.30
C ALA B 11 4.52 -10.57 35.96
N VAL B 12 5.05 -9.41 36.36
CA VAL B 12 6.42 -9.03 36.02
C VAL B 12 7.44 -9.38 37.09
N SER B 13 7.01 -10.02 38.17
CA SER B 13 7.92 -10.32 39.27
C SER B 13 7.50 -11.61 39.96
N GLN B 14 8.44 -12.20 40.68
CA GLN B 14 8.14 -13.42 41.43
C GLN B 14 7.02 -13.24 42.46
N PRO B 15 6.95 -12.15 43.24
CA PRO B 15 5.82 -12.04 44.18
C PRO B 15 4.51 -11.69 43.50
N GLU B 16 4.55 -10.95 42.37
CA GLU B 16 3.32 -10.64 41.67
C GLU B 16 2.64 -11.91 41.15
N ALA B 17 3.41 -12.96 40.88
CA ALA B 17 2.82 -14.23 40.51
C ALA B 17 2.05 -14.85 41.68
N THR B 18 2.57 -14.68 42.90
CA THR B 18 1.92 -15.27 44.07
C THR B 18 0.58 -14.60 44.34
N LYS B 19 0.53 -13.27 44.31
CA LYS B 19 -0.73 -12.56 44.52
C LYS B 19 -1.71 -12.89 43.39
N CYS B 20 -1.23 -12.96 42.16
CA CYS B 20 -2.09 -13.35 41.05
C CYS B 20 -2.65 -14.75 41.26
N PHE B 21 -1.83 -15.67 41.78
CA PHE B 21 -2.32 -16.99 42.14
C PHE B 21 -3.38 -16.90 43.23
N GLN B 22 -3.16 -16.04 44.23
CA GLN B 22 -4.20 -15.76 45.22
C GLN B 22 -5.45 -15.21 44.54
N TRP B 23 -5.26 -14.37 43.51
CA TRP B 23 -6.40 -13.81 42.79
C TRP B 23 -7.18 -14.89 42.07
N GLN B 24 -6.49 -15.86 41.46
CA GLN B 24 -7.18 -16.90 40.72
C GLN B 24 -8.05 -17.76 41.63
N ARG B 25 -7.53 -18.10 42.81
CA ARG B 25 -8.30 -18.95 43.73
C ARG B 25 -9.56 -18.26 44.21
N ASN B 26 -9.46 -16.98 44.57
CA ASN B 26 -10.60 -16.27 45.14
C ASN B 26 -11.72 -16.09 44.13
N MET B 27 -11.39 -15.82 42.86
CA MET B 27 -12.41 -15.70 41.84
C MET B 27 -13.17 -17.01 41.66
N ARG B 28 -12.46 -18.13 41.69
CA ARG B 28 -13.12 -19.43 41.62
C ARG B 28 -13.97 -19.71 42.86
N ARG B 29 -13.56 -19.18 44.02
CA ARG B 29 -14.34 -19.37 45.23
C ARG B 29 -15.71 -18.71 45.15
N VAL B 30 -15.78 -17.52 44.54
CA VAL B 30 -17.03 -16.79 44.48
C VAL B 30 -17.66 -17.05 43.11
N ARG B 31 -17.06 -17.98 42.37
CA ARG B 31 -17.56 -18.38 41.04
C ARG B 31 -17.65 -17.16 40.11
N GLY B 32 -16.65 -16.29 40.15
CA GLY B 32 -16.61 -15.11 39.32
C GLY B 32 -15.89 -15.36 38.00
N PRO B 33 -15.61 -14.29 37.27
CA PRO B 33 -14.86 -14.42 36.01
C PRO B 33 -13.47 -14.97 36.26
N PRO B 34 -13.09 -16.03 35.54
CA PRO B 34 -11.78 -16.64 35.78
C PRO B 34 -10.63 -15.77 35.32
N VAL B 35 -9.49 -15.93 35.98
CA VAL B 35 -8.28 -15.22 35.64
C VAL B 35 -7.09 -16.15 35.87
N SER B 36 -6.28 -16.36 34.83
CA SER B 36 -5.04 -17.11 34.94
C SER B 36 -3.86 -16.15 34.98
N CYS B 37 -2.68 -16.71 35.26
CA CYS B 37 -1.48 -15.91 35.47
C CYS B 37 -0.36 -16.41 34.59
N ILE B 38 0.37 -15.46 33.98
CA ILE B 38 1.56 -15.73 33.19
C ILE B 38 2.70 -14.92 33.77
N LYS B 39 3.86 -15.55 33.94
CA LYS B 39 5.01 -14.92 34.60
C LYS B 39 6.02 -14.47 33.57
N ARG B 40 6.47 -13.22 33.69
CA ARG B 40 7.52 -12.66 32.85
C ARG B 40 8.48 -11.89 33.74
N ASP B 41 9.54 -11.36 33.13
CA ASP B 41 10.64 -10.76 33.88
C ASP B 41 10.60 -9.24 33.93
N SER B 42 9.81 -8.59 33.08
CA SER B 42 9.76 -7.14 33.04
C SER B 42 8.44 -6.72 32.39
N PRO B 43 8.01 -5.48 32.60
CA PRO B 43 6.79 -5.03 31.92
C PRO B 43 6.87 -5.14 30.41
N ILE B 44 8.04 -4.88 29.83
CA ILE B 44 8.21 -4.99 28.39
C ILE B 44 8.05 -6.44 27.95
N GLN B 45 8.53 -7.38 28.77
CA GLN B 45 8.28 -8.79 28.48
C GLN B 45 6.80 -9.10 28.52
N CYS B 46 6.07 -8.50 29.46
CA CYS B 46 4.63 -8.67 29.50
C CYS B 46 3.95 -8.07 28.28
N ILE B 47 4.42 -6.90 27.83
CA ILE B 47 3.87 -6.29 26.62
C ILE B 47 4.10 -7.20 25.42
N GLN B 48 5.30 -7.77 25.32
CA GLN B 48 5.60 -8.68 24.21
C GLN B 48 4.77 -9.95 24.29
N ALA B 49 4.55 -10.46 25.51
CA ALA B 49 3.75 -11.67 25.67
C ALA B 49 2.31 -11.45 25.23
N ILE B 50 1.76 -10.27 25.54
CA ILE B 50 0.38 -9.97 25.14
C ILE B 50 0.28 -9.92 23.62
N ALA B 51 1.27 -9.31 22.96
CA ALA B 51 1.27 -9.25 21.50
C ALA B 51 1.36 -10.64 20.87
N GLU B 52 1.88 -11.62 21.60
CA GLU B 52 2.02 -12.99 21.12
C GLU B 52 0.83 -13.87 21.50
N ASN B 53 -0.20 -13.30 22.10
CA ASN B 53 -1.38 -14.02 22.59
C ASN B 53 -1.03 -15.04 23.66
N ARG B 54 0.13 -14.90 24.29
CA ARG B 54 0.49 -15.69 25.46
C ARG B 54 0.03 -15.05 26.75
N ALA B 55 -0.53 -13.85 26.68
CA ALA B 55 -1.10 -13.14 27.82
C ALA B 55 -2.12 -12.16 27.27
N ASP B 56 -2.89 -11.56 28.17
CA ASP B 56 -4.02 -10.73 27.75
C ASP B 56 -3.96 -9.31 28.32
N ALA B 57 -3.50 -9.16 29.56
CA ALA B 57 -3.57 -7.85 30.20
C ALA B 57 -2.42 -7.69 31.19
N VAL B 58 -2.11 -6.42 31.49
CA VAL B 58 -1.11 -6.08 32.49
C VAL B 58 -1.33 -4.63 32.88
N THR B 59 -1.18 -4.34 34.17
CA THR B 59 -1.19 -2.96 34.64
C THR B 59 0.15 -2.29 34.33
N LEU B 60 0.08 -1.05 33.87
CA LEU B 60 1.25 -0.37 33.33
C LEU B 60 1.24 1.09 33.73
N ASP B 61 2.42 1.59 34.11
CA ASP B 61 2.60 3.02 34.29
C ASP B 61 2.54 3.73 32.95
N GLY B 62 2.23 5.03 32.99
CA GLY B 62 2.11 5.80 31.76
C GLY B 62 3.37 5.76 30.91
N GLY B 63 4.54 5.64 31.54
CA GLY B 63 5.79 5.53 30.81
C GLY B 63 5.91 4.25 30.01
N PHE B 64 5.20 3.19 30.41
CA PHE B 64 5.20 1.94 29.67
C PHE B 64 3.93 1.74 28.85
N ILE B 65 2.89 2.54 29.07
CA ILE B 65 1.79 2.61 28.13
C ILE B 65 2.29 3.11 26.79
N TYR B 66 3.17 4.11 26.80
CA TYR B 66 3.79 4.62 25.58
C TYR B 66 4.53 3.50 24.85
N GLU B 67 5.32 2.72 25.59
CA GLU B 67 6.05 1.61 24.98
C GLU B 67 5.10 0.57 24.40
N ALA B 68 4.02 0.26 25.12
CA ALA B 68 3.06 -0.73 24.63
C ALA B 68 2.35 -0.25 23.37
N GLY B 69 2.26 1.07 23.17
CA GLY B 69 1.59 1.60 21.99
C GLY B 69 2.44 1.65 20.74
N LEU B 70 3.75 1.42 20.86
CA LEU B 70 4.63 1.46 19.71
C LEU B 70 4.53 0.17 18.90
N ALA B 71 4.95 0.24 17.64
CA ALA B 71 4.96 -0.93 16.78
C ALA B 71 6.05 -1.91 17.23
N PRO B 72 5.85 -3.22 17.03
CA PRO B 72 4.66 -3.85 16.44
C PRO B 72 3.64 -4.26 17.49
N TYR B 73 3.77 -3.72 18.71
CA TYR B 73 2.91 -4.13 19.82
C TYR B 73 1.54 -3.47 19.73
N LYS B 74 1.51 -2.14 19.77
CA LYS B 74 0.28 -1.36 19.59
C LYS B 74 -0.83 -1.80 20.55
N LEU B 75 -0.51 -1.81 21.84
CA LEU B 75 -1.48 -2.13 22.87
C LEU B 75 -2.16 -0.84 23.35
N ARG B 76 -3.46 -0.95 23.64
CA ARG B 76 -4.22 0.21 24.05
C ARG B 76 -4.72 0.07 25.49
N PRO B 77 -4.75 1.15 26.27
CA PRO B 77 -5.35 1.07 27.61
C PRO B 77 -6.83 0.78 27.52
N VAL B 78 -7.30 -0.09 28.42
CA VAL B 78 -8.71 -0.47 28.46
C VAL B 78 -9.35 -0.15 29.80
N ALA B 79 -8.59 -0.07 30.89
CA ALA B 79 -9.14 0.28 32.20
C ALA B 79 -8.10 1.09 32.95
N ALA B 80 -8.50 2.24 33.47
CA ALA B 80 -7.60 3.13 34.20
C ALA B 80 -7.83 3.01 35.69
N GLU B 81 -6.74 2.91 36.45
CA GLU B 81 -6.85 2.89 37.90
C GLU B 81 -7.51 4.16 38.41
N VAL B 82 -8.30 4.03 39.46
CA VAL B 82 -9.01 5.15 40.07
C VAL B 82 -8.43 5.36 41.47
N TYR B 83 -8.00 6.59 41.74
CA TYR B 83 -7.42 6.96 43.02
C TYR B 83 -8.36 7.88 43.77
N GLY B 84 -8.04 8.10 45.05
CA GLY B 84 -8.85 8.94 45.90
C GLY B 84 -9.88 8.14 46.68
N THR B 85 -11.12 8.63 46.72
CA THR B 85 -12.21 7.97 47.40
C THR B 85 -13.36 7.78 46.43
N GLU B 86 -14.35 6.99 46.86
CA GLU B 86 -15.52 6.74 46.02
C GLU B 86 -16.28 8.03 45.73
N ARG B 87 -16.37 8.91 46.73
CA ARG B 87 -17.09 10.17 46.57
C ARG B 87 -16.28 11.23 45.83
N GLN B 88 -14.94 11.13 45.85
CA GLN B 88 -14.07 12.06 45.13
C GLN B 88 -13.04 11.27 44.33
N PRO B 89 -13.47 10.56 43.29
CA PRO B 89 -12.53 9.76 42.50
C PRO B 89 -11.75 10.61 41.52
N ARG B 90 -10.54 10.15 41.20
CA ARG B 90 -9.68 10.82 40.23
C ARG B 90 -8.91 9.78 39.44
N THR B 91 -8.76 10.04 38.13
CA THR B 91 -8.02 9.17 37.23
C THR B 91 -6.69 9.79 36.82
N HIS B 92 -6.18 10.75 37.59
CA HIS B 92 -4.90 11.38 37.33
C HIS B 92 -4.16 11.55 38.65
N TYR B 93 -2.84 11.66 38.57
CA TYR B 93 -2.02 11.94 39.73
C TYR B 93 -0.91 12.92 39.35
N TYR B 94 -0.25 13.47 40.37
CA TYR B 94 0.72 14.53 40.20
C TYR B 94 2.14 14.01 40.44
N ALA B 95 3.03 14.26 39.49
CA ALA B 95 4.44 13.99 39.69
C ALA B 95 5.05 15.10 40.52
N VAL B 96 5.63 14.75 41.67
CA VAL B 96 6.19 15.74 42.59
C VAL B 96 7.61 15.36 42.94
N ALA B 97 8.36 16.36 43.40
CA ALA B 97 9.70 16.16 43.95
C ALA B 97 9.66 16.48 45.44
N VAL B 98 9.96 15.49 46.28
CA VAL B 98 9.89 15.62 47.73
C VAL B 98 11.31 15.78 48.26
N VAL B 99 11.48 16.74 49.17
CA VAL B 99 12.78 17.09 49.73
C VAL B 99 12.63 17.31 51.22
N LYS B 100 13.76 17.42 51.92
CA LYS B 100 13.74 17.81 53.31
C LYS B 100 13.44 19.30 53.44
N LYS B 101 12.90 19.68 54.59
CA LYS B 101 12.42 21.05 54.79
C LYS B 101 13.54 22.06 54.96
N GLY B 102 14.81 21.66 54.86
CA GLY B 102 15.91 22.55 55.11
C GLY B 102 16.30 23.49 53.98
N GLY B 103 15.35 23.78 53.09
CA GLY B 103 15.54 24.77 52.04
C GLY B 103 16.82 24.66 51.24
N SER B 104 17.45 25.81 50.99
CA SER B 104 18.80 25.93 50.46
C SER B 104 18.95 25.57 48.99
N PHE B 105 17.90 25.07 48.35
CA PHE B 105 17.98 24.78 46.92
C PHE B 105 16.58 24.64 46.34
N GLN B 106 16.50 24.77 45.02
CA GLN B 106 15.24 24.66 44.29
C GLN B 106 15.38 23.63 43.17
N LEU B 107 14.38 23.57 42.28
CA LEU B 107 14.36 22.54 41.24
C LEU B 107 15.47 22.71 40.21
N ASN B 108 16.04 23.91 40.09
CA ASN B 108 17.10 24.12 39.10
C ASN B 108 18.49 23.94 39.69
N GLU B 109 18.69 24.33 40.95
CA GLU B 109 20.01 24.26 41.59
C GLU B 109 20.15 22.97 42.41
N LEU B 110 20.04 21.84 41.70
CA LEU B 110 20.15 20.53 42.35
C LEU B 110 21.22 19.66 41.68
N GLN B 111 22.11 20.26 40.90
CA GLN B 111 23.23 19.52 40.33
C GLN B 111 24.16 19.05 41.43
N GLY B 112 24.69 17.83 41.29
CA GLY B 112 25.59 17.28 42.26
C GLY B 112 24.95 16.76 43.52
N LEU B 113 23.62 16.68 43.56
CA LEU B 113 22.91 16.14 44.71
C LEU B 113 22.63 14.66 44.49
N LYS B 114 21.87 14.06 45.38
CA LYS B 114 21.53 12.64 45.32
C LYS B 114 20.03 12.47 45.18
N SER B 115 19.60 11.73 44.16
CA SER B 115 18.20 11.63 43.81
C SER B 115 17.71 10.20 43.95
N CYS B 116 16.42 10.07 44.29
CA CYS B 116 15.74 8.80 44.39
C CYS B 116 14.64 8.75 43.33
N HIS B 117 14.66 7.71 42.50
CA HIS B 117 13.69 7.56 41.42
C HIS B 117 12.91 6.26 41.60
N THR B 118 11.65 6.26 41.17
CA THR B 118 10.87 5.03 41.19
C THR B 118 11.40 4.02 40.19
N GLY B 119 11.81 4.48 39.02
CA GLY B 119 12.35 3.54 38.04
C GLY B 119 12.59 4.17 36.70
N LEU B 120 13.45 3.54 35.90
CA LEU B 120 13.76 4.05 34.57
C LEU B 120 12.51 4.05 33.70
N ARG B 121 12.32 5.16 32.98
CA ARG B 121 11.24 5.40 32.03
C ARG B 121 9.85 5.45 32.67
N ARG B 122 9.76 5.61 33.99
CA ARG B 122 8.48 5.77 34.64
C ARG B 122 8.08 7.25 34.68
N THR B 123 6.77 7.49 34.81
CA THR B 123 6.23 8.83 34.62
C THR B 123 6.74 9.83 35.66
N ALA B 124 6.33 9.66 36.91
CA ALA B 124 6.83 10.51 37.99
C ALA B 124 8.24 10.11 38.39
N GLY B 125 8.60 8.84 38.21
CA GLY B 125 9.94 8.41 38.55
C GLY B 125 10.99 9.03 37.65
N TRP B 126 10.84 8.85 36.33
CA TRP B 126 11.89 9.21 35.38
C TRP B 126 11.47 10.27 34.37
N ASN B 127 10.38 10.06 33.64
CA ASN B 127 10.13 10.84 32.42
C ASN B 127 9.91 12.31 32.73
N VAL B 128 9.03 12.61 33.68
CA VAL B 128 8.72 13.99 34.04
C VAL B 128 9.93 14.72 34.63
N PRO B 129 10.62 14.17 35.64
CA PRO B 129 11.74 14.93 36.22
C PRO B 129 12.89 15.17 35.25
N ILE B 130 13.30 14.14 34.50
CA ILE B 130 14.41 14.30 33.57
C ILE B 130 14.05 15.27 32.46
N GLY B 131 12.79 15.25 32.02
CA GLY B 131 12.36 16.17 30.98
C GLY B 131 12.50 17.62 31.38
N THR B 132 12.11 17.95 32.61
CA THR B 132 12.19 19.32 33.08
C THR B 132 13.61 19.73 33.49
N LEU B 133 14.47 18.77 33.79
CA LEU B 133 15.87 19.04 34.14
C LEU B 133 16.79 19.01 32.94
N ARG B 134 16.26 18.75 31.74
CA ARG B 134 17.12 18.63 30.56
C ARG B 134 17.98 19.85 30.26
N PRO B 135 17.49 21.09 30.37
CA PRO B 135 18.36 22.24 30.05
C PRO B 135 19.62 22.32 30.91
N PHE B 136 19.65 21.65 32.07
CA PHE B 136 20.80 21.68 32.96
C PHE B 136 21.69 20.46 32.83
N LEU B 137 21.34 19.51 31.95
CA LEU B 137 22.05 18.24 31.87
C LEU B 137 23.27 18.28 30.96
N ASN B 138 23.36 19.27 30.07
CA ASN B 138 24.45 19.35 29.09
C ASN B 138 24.52 18.07 28.27
N TRP B 139 23.34 17.54 27.90
CA TRP B 139 23.26 16.30 27.17
C TRP B 139 23.63 16.50 25.71
N THR B 140 24.48 15.62 25.17
CA THR B 140 24.89 15.71 23.78
C THR B 140 23.75 15.40 22.82
N GLY B 141 22.69 14.75 23.30
CA GLY B 141 21.55 14.43 22.48
C GLY B 141 21.60 13.00 21.95
N PRO B 142 20.54 12.61 21.25
CA PRO B 142 20.48 11.25 20.69
C PRO B 142 21.51 11.06 19.60
N PRO B 143 21.91 9.82 19.29
CA PRO B 143 21.39 8.59 19.89
C PRO B 143 22.08 8.23 21.21
N GLU B 144 23.02 9.07 21.64
CA GLU B 144 23.73 8.83 22.89
C GLU B 144 22.73 8.86 24.04
N PRO B 145 22.64 7.79 24.84
CA PRO B 145 21.57 7.71 25.85
C PRO B 145 21.67 8.85 26.86
N ILE B 146 20.49 9.34 27.27
CA ILE B 146 20.43 10.46 28.21
C ILE B 146 20.83 10.03 29.61
N GLU B 147 20.86 8.73 29.88
CA GLU B 147 21.29 8.25 31.20
C GLU B 147 22.72 8.69 31.52
N ALA B 148 23.57 8.80 30.50
CA ALA B 148 24.94 9.25 30.73
C ALA B 148 24.97 10.68 31.24
N ALA B 149 24.14 11.56 30.67
CA ALA B 149 24.06 12.93 31.16
C ALA B 149 23.51 12.98 32.58
N VAL B 150 22.50 12.17 32.87
CA VAL B 150 21.93 12.14 34.22
C VAL B 150 22.94 11.58 35.21
N ALA B 151 23.61 10.49 34.86
CA ALA B 151 24.61 9.89 35.74
C ALA B 151 25.77 10.83 36.02
N ARG B 152 26.00 11.81 35.13
CA ARG B 152 27.01 12.84 35.34
C ARG B 152 26.45 14.07 36.04
N PHE B 153 25.13 14.26 36.01
CA PHE B 153 24.51 15.41 36.65
C PHE B 153 24.48 15.25 38.16
N PHE B 154 23.79 14.22 38.65
CA PHE B 154 23.77 13.94 40.07
C PHE B 154 25.06 13.28 40.51
N SER B 155 25.42 13.48 41.78
CA SER B 155 26.59 12.80 42.34
C SER B 155 26.39 11.29 42.34
N ALA B 156 25.21 10.84 42.77
CA ALA B 156 24.82 9.44 42.75
C ALA B 156 23.32 9.38 42.95
N SER B 157 22.71 8.28 42.51
CA SER B 157 21.26 8.15 42.56
C SER B 157 20.89 6.68 42.51
N CYS B 158 19.62 6.41 42.83
CA CYS B 158 19.05 5.06 42.73
C CYS B 158 17.96 5.12 41.66
N VAL B 159 18.28 4.59 40.49
CA VAL B 159 17.32 4.52 39.38
C VAL B 159 17.09 3.05 39.06
N PRO B 160 16.07 2.42 39.66
CA PRO B 160 15.83 0.99 39.41
C PRO B 160 15.57 0.74 37.93
N GLY B 161 16.27 -0.26 37.39
CA GLY B 161 16.17 -0.62 35.99
C GLY B 161 17.26 -0.05 35.11
N ALA B 162 18.03 0.92 35.59
CA ALA B 162 19.11 1.48 34.79
C ALA B 162 20.20 0.44 34.59
N ASP B 163 20.90 0.56 33.46
CA ASP B 163 21.99 -0.36 33.13
C ASP B 163 23.13 -0.18 34.13
N LYS B 164 23.25 -1.12 35.05
CA LYS B 164 24.24 -0.99 36.12
C LYS B 164 25.66 -1.00 35.60
N GLY B 165 25.92 -1.72 34.50
CA GLY B 165 27.27 -1.81 33.97
C GLY B 165 27.75 -0.57 33.25
N GLN B 166 26.84 0.15 32.59
CA GLN B 166 27.22 1.33 31.82
C GLN B 166 27.05 2.63 32.58
N PHE B 167 26.09 2.71 33.51
CA PHE B 167 25.88 3.90 34.34
C PHE B 167 25.81 3.47 35.80
N PRO B 168 26.94 3.06 36.39
CA PRO B 168 26.92 2.66 37.80
C PRO B 168 26.55 3.79 38.76
N ASN B 169 26.71 5.05 38.33
CA ASN B 169 26.29 6.17 39.17
C ASN B 169 24.79 6.18 39.40
N LEU B 170 24.01 5.61 38.47
CA LEU B 170 22.57 5.57 38.58
C LEU B 170 22.07 4.45 39.49
N CYS B 171 22.98 3.68 40.09
CA CYS B 171 22.59 2.57 40.95
C CYS B 171 23.30 2.57 42.31
N ARG B 172 24.20 3.53 42.56
CA ARG B 172 25.03 3.49 43.75
C ARG B 172 24.23 3.73 45.03
N LEU B 173 23.03 4.29 44.93
CA LEU B 173 22.23 4.63 46.10
C LEU B 173 21.16 3.58 46.42
N CYS B 174 21.14 2.48 45.69
CA CYS B 174 20.22 1.39 45.99
C CYS B 174 20.89 0.39 46.93
N ALA B 175 20.06 -0.43 47.58
CA ALA B 175 20.54 -1.45 48.51
C ALA B 175 19.74 -2.72 48.27
N GLY B 176 20.20 -3.56 47.35
CA GLY B 176 19.53 -4.80 47.01
C GLY B 176 20.11 -6.06 47.61
N THR B 177 21.14 -5.95 48.46
CA THR B 177 21.75 -7.09 49.12
C THR B 177 22.23 -8.14 48.11
N GLY B 178 23.03 -7.69 47.15
CA GLY B 178 23.56 -8.57 46.11
C GLY B 178 23.31 -8.05 44.72
N GLU B 179 23.01 -8.96 43.78
CA GLU B 179 22.72 -8.56 42.40
C GLU B 179 21.29 -8.08 42.22
N ASN B 180 20.48 -8.06 43.29
CA ASN B 180 19.18 -7.41 43.27
C ASN B 180 19.27 -5.92 43.57
N LYS B 181 20.44 -5.31 43.35
CA LYS B 181 20.64 -3.93 43.77
C LYS B 181 19.85 -2.96 42.91
N CYS B 182 20.15 -2.91 41.61
CA CYS B 182 19.45 -2.00 40.69
C CYS B 182 18.32 -2.71 39.95
N ALA B 183 17.44 -3.36 40.71
CA ALA B 183 16.40 -4.20 40.15
C ALA B 183 15.12 -3.41 39.92
N PHE B 184 14.45 -3.71 38.81
CA PHE B 184 13.12 -3.17 38.52
C PHE B 184 12.04 -4.05 39.16
N SER B 185 12.18 -4.28 40.47
CA SER B 185 11.32 -5.21 41.18
C SER B 185 11.21 -4.79 42.63
N SER B 186 10.21 -5.35 43.32
CA SER B 186 10.01 -5.11 44.73
C SER B 186 11.15 -5.65 45.58
N GLN B 187 12.00 -6.52 45.03
CA GLN B 187 13.16 -7.00 45.77
C GLN B 187 14.16 -5.89 46.03
N GLU B 188 14.07 -4.77 45.31
CA GLU B 188 14.83 -3.58 45.66
C GLU B 188 14.01 -2.73 46.61
N PRO B 189 14.47 -2.50 47.85
CA PRO B 189 13.65 -1.74 48.81
C PRO B 189 13.36 -0.31 48.38
N TYR B 190 14.17 0.29 47.50
CA TYR B 190 13.94 1.66 47.04
C TYR B 190 13.21 1.70 45.71
N PHE B 191 12.32 0.75 45.44
CA PHE B 191 11.87 0.57 44.06
C PHE B 191 10.75 1.53 43.66
N SER B 192 9.56 1.38 44.20
CA SER B 192 8.39 1.99 43.61
C SER B 192 8.22 3.41 44.15
N TYR B 193 7.05 4.02 43.93
CA TYR B 193 6.68 5.25 44.62
C TYR B 193 7.06 5.18 46.09
N SER B 194 6.59 4.13 46.77
CA SER B 194 6.92 3.93 48.17
C SER B 194 8.41 3.70 48.36
N GLY B 195 9.02 2.89 47.48
CA GLY B 195 10.43 2.57 47.64
C GLY B 195 11.33 3.79 47.53
N ALA B 196 11.09 4.63 46.52
CA ALA B 196 11.92 5.81 46.33
C ALA B 196 11.80 6.79 47.49
N PHE B 197 10.63 6.86 48.13
CA PHE B 197 10.46 7.72 49.28
C PHE B 197 11.31 7.24 50.45
N LYS B 198 11.42 5.92 50.62
CA LYS B 198 12.30 5.38 51.66
C LYS B 198 13.74 5.80 51.42
N CYS B 199 14.15 5.83 50.15
CA CYS B 199 15.49 6.32 49.80
C CYS B 199 15.70 7.75 50.28
N LEU B 200 14.64 8.54 50.36
CA LEU B 200 14.73 9.90 50.91
C LEU B 200 14.57 9.91 52.42
N ARG B 201 13.64 9.10 52.96
CA ARG B 201 13.47 9.04 54.41
C ARG B 201 14.71 8.51 55.10
N ASP B 202 15.34 7.49 54.53
CA ASP B 202 16.58 6.98 55.11
C ASP B 202 17.68 8.03 55.12
N GLY B 203 17.63 8.98 54.19
CA GLY B 203 18.68 9.96 54.04
C GLY B 203 19.68 9.64 52.94
N ALA B 204 19.43 8.61 52.13
CA ALA B 204 20.35 8.27 51.05
C ALA B 204 20.46 9.39 50.03
N GLY B 205 19.32 10.01 49.68
CA GLY B 205 19.30 11.11 48.75
C GLY B 205 18.65 12.34 49.37
N ASP B 206 18.73 13.45 48.63
CA ASP B 206 18.12 14.70 49.05
C ASP B 206 16.86 15.05 48.27
N VAL B 207 16.46 14.23 47.31
CA VAL B 207 15.26 14.48 46.52
C VAL B 207 14.68 13.15 46.07
N ALA B 208 13.36 13.03 46.14
CA ALA B 208 12.65 11.84 45.69
C ALA B 208 11.58 12.27 44.69
N PHE B 209 11.65 11.73 43.48
CA PHE B 209 10.66 12.02 42.44
C PHE B 209 9.60 10.92 42.49
N ILE B 210 8.48 11.23 43.13
CA ILE B 210 7.46 10.24 43.48
C ILE B 210 6.07 10.85 43.27
N ARG B 211 5.06 10.08 43.63
CA ARG B 211 3.69 10.55 43.63
C ARG B 211 3.48 11.62 44.69
N GLU B 212 2.40 12.38 44.53
CA GLU B 212 1.98 13.36 45.52
C GLU B 212 1.34 12.71 46.74
N SER B 213 0.94 11.44 46.66
CA SER B 213 0.22 10.76 47.72
C SER B 213 1.06 9.74 48.48
N THR B 214 2.35 9.59 48.14
CA THR B 214 3.19 8.63 48.85
C THR B 214 3.36 9.01 50.31
N VAL B 215 3.54 10.31 50.58
CA VAL B 215 3.76 10.77 51.95
C VAL B 215 2.53 10.51 52.81
N PHE B 216 1.33 10.66 52.22
CA PHE B 216 0.10 10.47 52.98
C PHE B 216 -0.13 8.99 53.30
N GLU B 217 0.36 8.08 52.45
CA GLU B 217 0.16 6.66 52.66
C GLU B 217 1.30 5.99 53.42
N ASP B 218 2.47 6.63 53.50
CA ASP B 218 3.61 6.04 54.17
C ASP B 218 3.95 6.69 55.51
N LEU B 219 3.51 7.92 55.75
CA LEU B 219 3.74 8.59 57.03
C LEU B 219 2.45 8.56 57.85
N SER B 220 2.59 8.23 59.14
CA SER B 220 1.45 7.92 60.00
C SER B 220 0.41 9.03 60.06
N ASP B 221 0.78 10.19 60.59
CA ASP B 221 -0.14 11.30 60.75
C ASP B 221 0.59 12.59 60.43
N GLU B 222 -0.14 13.71 60.57
CA GLU B 222 0.39 15.02 60.20
C GLU B 222 1.36 15.54 61.25
N ALA B 223 2.40 14.76 61.50
CA ALA B 223 3.52 15.16 62.34
C ALA B 223 4.87 14.96 61.65
N GLU B 224 5.02 13.90 60.86
CA GLU B 224 6.26 13.64 60.13
C GLU B 224 6.21 14.16 58.70
N ARG B 225 5.01 14.35 58.14
CA ARG B 225 4.88 14.93 56.80
C ARG B 225 5.32 16.37 56.76
N ASP B 226 5.37 17.04 57.92
CA ASP B 226 5.85 18.42 57.98
C ASP B 226 7.37 18.51 57.88
N GLU B 227 8.08 17.38 57.91
CA GLU B 227 9.51 17.37 57.69
C GLU B 227 9.90 17.43 56.22
N TYR B 228 8.93 17.35 55.30
CA TYR B 228 9.21 17.25 53.88
C TYR B 228 8.49 18.34 53.12
N GLU B 229 9.13 18.80 52.05
CA GLU B 229 8.63 19.88 51.22
C GLU B 229 8.54 19.43 49.77
N LEU B 230 7.96 20.29 48.93
CA LEU B 230 7.83 20.05 47.51
C LEU B 230 8.58 21.11 46.73
N LEU B 231 9.13 20.71 45.58
CA LEU B 231 9.85 21.61 44.68
C LEU B 231 8.94 21.95 43.52
N CYS B 232 8.57 23.24 43.42
CA CYS B 232 7.69 23.62 42.31
C CYS B 232 8.53 24.04 41.10
N PRO B 233 7.97 23.91 39.89
CA PRO B 233 8.73 24.33 38.70
C PRO B 233 9.10 25.80 38.68
N ASP B 234 8.38 26.65 39.41
CA ASP B 234 8.74 28.05 39.57
C ASP B 234 9.91 28.26 40.53
N ASN B 235 10.59 27.18 40.91
CA ASN B 235 11.73 27.24 41.84
C ASN B 235 11.35 27.87 43.17
N THR B 236 10.26 27.36 43.74
CA THR B 236 9.84 27.69 45.09
C THR B 236 9.58 26.40 45.85
N ARG B 237 9.68 26.47 47.17
CA ARG B 237 9.41 25.33 48.04
C ARG B 237 8.11 25.58 48.78
N LYS B 238 7.21 24.61 48.71
CA LYS B 238 5.87 24.71 49.28
C LYS B 238 5.55 23.46 50.06
N PRO B 239 4.64 23.55 51.04
CA PRO B 239 4.28 22.37 51.84
C PRO B 239 3.70 21.25 50.97
N VAL B 240 3.61 20.07 51.60
CA VAL B 240 3.18 18.87 50.88
C VAL B 240 1.74 19.01 50.41
N ASP B 241 0.86 19.55 51.26
CA ASP B 241 -0.56 19.59 50.95
C ASP B 241 -0.85 20.33 49.65
N LYS B 242 -0.04 21.33 49.32
CA LYS B 242 -0.25 22.14 48.11
C LYS B 242 0.46 21.53 46.90
N PHE B 243 0.21 20.25 46.65
CA PHE B 243 0.78 19.62 45.46
C PHE B 243 0.07 20.08 44.19
N LYS B 244 -1.19 20.51 44.30
CA LYS B 244 -1.92 21.02 43.15
C LYS B 244 -1.31 22.31 42.62
N ASP B 245 -0.51 23.01 43.43
CA ASP B 245 0.22 24.19 43.00
C ASP B 245 1.72 23.97 42.88
N CYS B 246 2.24 22.87 43.42
CA CYS B 246 3.68 22.61 43.45
C CYS B 246 3.99 21.22 42.91
N HIS B 247 3.39 20.90 41.76
CA HIS B 247 3.62 19.64 41.08
C HIS B 247 4.46 19.86 39.83
N LEU B 248 5.17 18.80 39.43
CA LEU B 248 5.95 18.87 38.21
C LEU B 248 5.11 18.61 36.97
N ALA B 249 4.05 17.81 37.09
CA ALA B 249 3.18 17.51 35.98
C ALA B 249 1.92 16.82 36.49
N ARG B 250 0.82 17.02 35.77
CA ARG B 250 -0.41 16.26 35.97
C ARG B 250 -0.47 15.17 34.91
N VAL B 251 -0.52 13.91 35.35
CA VAL B 251 -0.39 12.79 34.43
C VAL B 251 -1.53 11.80 34.65
N PRO B 252 -1.92 11.03 33.65
CA PRO B 252 -3.02 10.08 33.84
C PRO B 252 -2.61 8.90 34.71
N SER B 253 -3.62 8.24 35.26
CA SER B 253 -3.39 7.09 36.12
C SER B 253 -2.81 5.92 35.33
N HIS B 254 -2.21 4.99 36.06
CA HIS B 254 -1.76 3.74 35.45
C HIS B 254 -2.96 2.96 34.92
N ALA B 255 -2.76 2.23 33.84
CA ALA B 255 -3.86 1.63 33.12
C ALA B 255 -3.56 0.19 32.75
N VAL B 256 -4.63 -0.58 32.55
CA VAL B 256 -4.54 -1.93 32.03
C VAL B 256 -4.59 -1.86 30.50
N VAL B 257 -3.61 -2.48 29.84
CA VAL B 257 -3.51 -2.44 28.39
C VAL B 257 -3.74 -3.84 27.85
N ALA B 258 -4.23 -3.90 26.60
CA ALA B 258 -4.51 -5.15 25.94
C ALA B 258 -4.31 -4.97 24.44
N ARG B 259 -4.51 -6.04 23.69
CA ARG B 259 -4.37 -5.98 22.24
C ARG B 259 -5.45 -5.09 21.64
N SER B 260 -5.09 -4.39 20.55
CA SER B 260 -6.04 -3.53 19.87
C SER B 260 -7.16 -4.34 19.23
N VAL B 261 -6.82 -5.48 18.61
CA VAL B 261 -7.79 -6.36 17.98
C VAL B 261 -7.69 -7.73 18.63
N ASN B 262 -8.84 -8.34 18.93
CA ASN B 262 -8.91 -9.63 19.62
C ASN B 262 -8.19 -9.57 20.97
N GLY B 263 -8.37 -8.48 21.69
CA GLY B 263 -7.74 -8.25 22.96
C GLY B 263 -8.53 -8.68 24.18
N LYS B 264 -9.65 -9.38 23.99
CA LYS B 264 -10.50 -9.81 25.11
C LYS B 264 -10.94 -8.63 25.96
N GLU B 265 -11.29 -7.53 25.30
CA GLU B 265 -11.62 -6.30 26.03
C GLU B 265 -12.84 -6.50 26.92
N ASP B 266 -13.87 -7.19 26.42
CA ASP B 266 -15.07 -7.41 27.22
C ASP B 266 -14.78 -8.24 28.46
N ALA B 267 -14.00 -9.31 28.31
CA ALA B 267 -13.70 -10.18 29.45
C ALA B 267 -12.84 -9.47 30.49
N ILE B 268 -11.87 -8.67 30.04
CA ILE B 268 -10.98 -7.98 30.98
C ILE B 268 -11.79 -7.02 31.86
N TRP B 269 -12.68 -6.24 31.25
CA TRP B 269 -13.49 -5.31 32.03
C TRP B 269 -14.45 -6.06 32.94
N ASN B 270 -15.02 -7.17 32.47
CA ASN B 270 -15.91 -7.96 33.31
C ASN B 270 -15.16 -8.52 34.52
N LEU B 271 -13.92 -8.97 34.31
CA LEU B 271 -13.12 -9.49 35.42
C LEU B 271 -12.80 -8.40 36.43
N LEU B 272 -12.33 -7.24 35.95
CA LEU B 272 -11.96 -6.17 36.86
C LEU B 272 -13.16 -5.58 37.57
N ARG B 273 -14.32 -5.55 36.91
CA ARG B 273 -15.53 -5.00 37.53
C ARG B 273 -15.95 -5.84 38.73
N GLN B 274 -15.92 -7.17 38.60
CA GLN B 274 -16.36 -8.03 39.69
C GLN B 274 -15.32 -8.14 40.79
N ALA B 275 -14.03 -8.13 40.43
CA ALA B 275 -12.99 -8.15 41.46
C ALA B 275 -13.04 -6.89 42.32
N GLN B 276 -13.32 -5.75 41.70
CA GLN B 276 -13.52 -4.52 42.46
C GLN B 276 -14.71 -4.63 43.40
N GLU B 277 -15.78 -5.27 42.94
CA GLU B 277 -16.98 -5.43 43.77
C GLU B 277 -16.71 -6.30 44.99
N LYS B 278 -15.97 -7.40 44.80
CA LYS B 278 -15.80 -8.38 45.88
C LYS B 278 -14.55 -8.12 46.71
N PHE B 279 -13.41 -7.90 46.07
CA PHE B 279 -12.13 -7.79 46.77
C PHE B 279 -11.51 -6.40 46.64
N GLY B 280 -12.34 -5.36 46.57
CA GLY B 280 -11.83 -4.01 46.40
C GLY B 280 -11.37 -3.42 47.72
N LYS B 281 -11.77 -2.19 48.00
CA LYS B 281 -11.41 -1.52 49.24
C LYS B 281 -12.54 -1.69 50.25
N ASP B 282 -12.16 -2.03 51.48
CA ASP B 282 -13.11 -2.23 52.58
C ASP B 282 -14.18 -3.26 52.19
N LYS B 283 -13.72 -4.49 52.06
CA LYS B 283 -14.47 -5.55 51.41
C LYS B 283 -14.13 -6.85 52.13
N SER B 284 -14.41 -7.99 51.46
CA SER B 284 -14.12 -9.34 51.93
C SER B 284 -12.86 -9.39 52.79
N PRO B 285 -12.90 -10.12 53.92
CA PRO B 285 -11.83 -10.01 54.94
C PRO B 285 -10.42 -10.18 54.40
N LYS B 286 -10.15 -11.30 53.74
CA LYS B 286 -8.83 -11.58 53.20
C LYS B 286 -8.77 -11.21 51.72
N PHE B 287 -7.54 -11.05 51.22
CA PHE B 287 -7.26 -10.80 49.81
C PHE B 287 -7.96 -9.52 49.32
N GLN B 288 -7.45 -8.40 49.82
CA GLN B 288 -7.74 -7.13 49.18
C GLN B 288 -6.99 -7.06 47.84
N LEU B 289 -7.70 -6.65 46.78
CA LEU B 289 -7.08 -6.61 45.46
C LEU B 289 -5.95 -5.60 45.37
N PHE B 290 -5.91 -4.62 46.27
CA PHE B 290 -4.88 -3.58 46.26
C PHE B 290 -4.12 -3.62 47.58
N GLY B 291 -2.79 -3.64 47.51
CA GLY B 291 -1.97 -3.77 48.70
C GLY B 291 -1.71 -5.21 49.05
N SER B 292 -0.48 -5.52 49.47
CA SER B 292 -0.07 -6.92 49.63
C SER B 292 1.21 -6.97 50.47
N PRO B 293 1.78 -8.18 50.79
CA PRO B 293 2.50 -8.35 52.07
C PRO B 293 3.85 -7.64 52.17
N SER B 294 4.56 -8.00 53.25
CA SER B 294 5.77 -7.33 53.72
C SER B 294 6.71 -6.90 52.61
N GLY B 295 7.10 -5.64 52.63
CA GLY B 295 8.13 -5.12 51.76
C GLY B 295 7.80 -5.15 50.29
N GLN B 296 6.53 -5.38 49.95
CA GLN B 296 6.10 -5.46 48.56
C GLN B 296 5.36 -4.19 48.17
N LYS B 297 5.62 -3.71 46.97
CA LYS B 297 5.09 -2.43 46.50
C LYS B 297 4.29 -2.66 45.22
N ASP B 298 2.98 -2.43 45.29
CA ASP B 298 2.11 -2.31 44.13
C ASP B 298 2.14 -3.58 43.27
N LEU B 299 1.65 -4.66 43.86
CA LEU B 299 1.59 -5.94 43.18
C LEU B 299 0.35 -5.99 42.29
N LEU B 300 0.57 -5.90 40.98
CA LEU B 300 -0.42 -6.02 39.92
C LEU B 300 -1.34 -4.80 39.83
N PHE B 301 -1.29 -3.94 40.84
CA PHE B 301 -2.15 -2.75 40.92
C PHE B 301 -1.54 -1.81 41.94
N LYS B 302 -1.86 -0.53 41.81
CA LYS B 302 -1.41 0.44 42.80
C LYS B 302 -2.02 0.16 44.16
N ASP B 303 -1.20 0.22 45.20
CA ASP B 303 -1.71 0.07 46.55
C ASP B 303 -2.61 1.26 46.89
N SER B 304 -3.67 0.98 47.66
CA SER B 304 -4.67 1.98 48.06
C SER B 304 -5.39 2.57 46.85
N ALA B 305 -5.46 1.82 45.75
CA ALA B 305 -6.37 2.16 44.68
C ALA B 305 -7.76 1.63 45.00
N ILE B 306 -8.78 2.29 44.46
CA ILE B 306 -10.15 1.97 44.83
C ILE B 306 -10.92 1.26 43.72
N GLY B 307 -10.49 1.32 42.47
CA GLY B 307 -11.22 0.69 41.40
C GLY B 307 -10.69 1.09 40.05
N PHE B 308 -11.50 0.85 39.02
CA PHE B 308 -11.12 1.09 37.64
C PHE B 308 -12.19 1.92 36.95
N SER B 309 -11.77 2.62 35.89
CA SER B 309 -12.67 3.32 34.99
C SER B 309 -12.41 2.83 33.57
N ARG B 310 -13.47 2.44 32.87
CA ARG B 310 -13.31 1.83 31.56
C ARG B 310 -12.93 2.89 30.52
N VAL B 311 -11.99 2.54 29.66
CA VAL B 311 -11.48 3.42 28.63
C VAL B 311 -12.20 3.10 27.32
N PRO B 312 -12.71 4.11 26.61
CA PRO B 312 -13.36 3.83 25.33
C PRO B 312 -12.38 3.21 24.35
N PRO B 313 -12.87 2.36 23.44
CA PRO B 313 -11.96 1.64 22.53
C PRO B 313 -11.13 2.54 21.64
N ARG B 314 -11.64 3.73 21.27
CA ARG B 314 -10.92 4.58 20.33
C ARG B 314 -9.59 5.08 20.91
N ILE B 315 -9.50 5.19 22.24
CA ILE B 315 -8.32 5.79 22.85
C ILE B 315 -7.12 4.87 22.67
N ASP B 316 -6.05 5.41 22.10
CA ASP B 316 -4.77 4.73 21.99
C ASP B 316 -3.81 5.31 23.01
N SER B 317 -2.54 4.86 22.95
CA SER B 317 -1.56 5.31 23.93
C SER B 317 -1.35 6.82 23.83
N GLY B 318 -1.28 7.37 22.62
CA GLY B 318 -1.05 8.79 22.46
C GLY B 318 -2.18 9.63 23.02
N LEU B 319 -3.41 9.27 22.71
CA LEU B 319 -4.56 10.01 23.22
C LEU B 319 -4.67 9.88 24.74
N TYR B 320 -4.39 8.68 25.27
CA TYR B 320 -4.51 8.47 26.71
C TYR B 320 -3.54 9.34 27.50
N LEU B 321 -2.30 9.44 27.04
CA LEU B 321 -1.28 10.21 27.76
C LEU B 321 -1.47 11.71 27.61
N GLY B 322 -2.17 12.16 26.58
CA GLY B 322 -2.33 13.58 26.35
C GLY B 322 -1.16 14.18 25.61
N SER B 323 -1.40 15.25 24.84
CA SER B 323 -0.36 15.78 23.97
C SER B 323 0.84 16.27 24.76
N GLY B 324 0.61 16.92 25.90
CA GLY B 324 1.71 17.45 26.68
C GLY B 324 2.68 16.38 27.15
N TYR B 325 2.15 15.30 27.73
CA TYR B 325 2.99 14.21 28.19
C TYR B 325 3.47 13.32 27.05
N PHE B 326 2.66 13.15 26.00
CA PHE B 326 3.04 12.28 24.89
C PHE B 326 4.26 12.82 24.16
N THR B 327 4.26 14.13 23.86
CA THR B 327 5.39 14.72 23.17
C THR B 327 6.61 14.85 24.09
N ALA B 328 6.38 14.99 25.40
CA ALA B 328 7.50 15.05 26.34
C ALA B 328 8.30 13.76 26.32
N ILE B 329 7.62 12.61 26.28
CA ILE B 329 8.31 11.33 26.15
C ILE B 329 9.04 11.25 24.82
N GLN B 330 8.37 11.67 23.74
CA GLN B 330 9.00 11.64 22.43
C GLN B 330 10.22 12.56 22.37
N ASN B 331 10.13 13.73 23.00
CA ASN B 331 11.23 14.69 23.00
C ASN B 331 12.46 14.15 23.71
N LEU B 332 12.31 13.19 24.62
CA LEU B 332 13.45 12.61 25.32
C LEU B 332 14.38 11.83 24.41
N ARG B 333 13.94 11.48 23.20
CA ARG B 333 14.80 10.83 22.22
C ARG B 333 14.86 11.61 20.91
N LYS B 334 14.51 12.89 20.95
CA LYS B 334 14.75 13.82 19.85
C LYS B 334 15.82 14.82 20.30
N SER B 335 16.65 15.23 19.35
CA SER B 335 17.72 16.17 19.68
C SER B 335 17.15 17.51 20.08
N GLU B 336 17.89 18.23 20.92
CA GLU B 336 17.47 19.56 21.36
C GLU B 336 17.18 20.47 20.17
N GLU B 337 17.96 20.32 19.09
CA GLU B 337 17.69 21.07 17.87
C GLU B 337 16.39 20.64 17.21
N GLU B 338 16.12 19.33 17.22
CA GLU B 338 14.88 18.83 16.63
C GLU B 338 13.66 19.33 17.39
N VAL B 339 13.76 19.41 18.72
CA VAL B 339 12.62 19.84 19.54
C VAL B 339 12.21 21.26 19.19
N ALA B 340 13.20 22.16 19.03
CA ALA B 340 12.89 23.54 18.70
C ALA B 340 12.22 23.67 17.33
N ALA B 341 12.73 22.92 16.34
CA ALA B 341 12.18 23.00 15.00
C ALA B 341 10.72 22.53 14.96
N ARG B 342 10.40 21.48 15.71
CA ARG B 342 9.02 21.00 15.77
C ARG B 342 8.10 22.06 16.36
N ARG B 343 8.55 22.75 17.41
CA ARG B 343 7.70 23.75 18.06
C ARG B 343 7.46 24.95 17.15
N ALA B 344 8.41 25.26 16.27
CA ALA B 344 8.34 26.44 15.42
C ALA B 344 7.63 26.19 14.09
N ARG B 345 7.33 24.94 13.76
CA ARG B 345 6.74 24.60 12.47
C ARG B 345 5.26 24.23 12.64
N VAL B 346 4.52 24.34 11.55
CA VAL B 346 3.11 23.98 11.51
C VAL B 346 2.98 22.65 10.80
N VAL B 347 2.52 21.63 11.52
CA VAL B 347 2.35 20.29 10.96
C VAL B 347 0.90 20.19 10.49
N TRP B 348 0.69 20.34 9.19
CA TRP B 348 -0.65 20.21 8.62
C TRP B 348 -1.06 18.74 8.56
N CYS B 349 -2.35 18.49 8.75
CA CYS B 349 -2.90 17.15 8.66
C CYS B 349 -3.74 17.03 7.40
N ALA B 350 -3.38 16.10 6.54
CA ALA B 350 -4.08 15.86 5.29
C ALA B 350 -5.00 14.65 5.42
N VAL B 351 -6.11 14.70 4.69
CA VAL B 351 -7.10 13.62 4.68
C VAL B 351 -7.02 12.95 3.32
N GLY B 352 -6.45 11.76 3.28
CA GLY B 352 -6.26 11.04 2.03
C GLY B 352 -4.89 11.30 1.41
N GLU B 353 -4.51 10.41 0.49
CA GLU B 353 -3.21 10.53 -0.15
C GLU B 353 -3.13 11.78 -1.02
N GLN B 354 -4.22 12.12 -1.71
CA GLN B 354 -4.20 13.27 -2.61
C GLN B 354 -3.93 14.57 -1.85
N GLU B 355 -4.58 14.75 -0.70
CA GLU B 355 -4.29 15.92 0.12
C GLU B 355 -2.87 15.88 0.67
N LEU B 356 -2.35 14.68 0.95
CA LEU B 356 -0.97 14.57 1.41
C LEU B 356 0.01 15.05 0.35
N ARG B 357 -0.25 14.73 -0.92
CA ARG B 357 0.63 15.18 -2.00
C ARG B 357 0.65 16.70 -2.09
N LYS B 358 -0.52 17.33 -2.01
CA LYS B 358 -0.59 18.79 -2.09
C LYS B 358 0.16 19.43 -0.93
N CYS B 359 0.04 18.85 0.27
CA CYS B 359 0.79 19.36 1.41
C CYS B 359 2.28 19.25 1.17
N ASN B 360 2.72 18.15 0.55
CA ASN B 360 4.15 17.96 0.30
C ASN B 360 4.69 18.97 -0.70
N GLN B 361 3.87 19.41 -1.66
CA GLN B 361 4.26 20.55 -2.49
C GLN B 361 4.39 21.81 -1.64
N TRP B 362 3.44 22.02 -0.73
CA TRP B 362 3.44 23.21 0.11
C TRP B 362 4.64 23.24 1.04
N SER B 363 5.01 22.09 1.60
CA SER B 363 6.07 22.05 2.60
C SER B 363 7.41 22.52 2.03
N GLY B 364 7.72 22.11 0.79
CA GLY B 364 8.97 22.50 0.18
C GLY B 364 9.07 23.99 -0.11
N LEU B 365 7.94 24.69 -0.17
CA LEU B 365 7.90 26.12 -0.44
C LEU B 365 7.57 26.94 0.79
N SER B 366 7.35 26.30 1.94
CA SER B 366 7.02 27.01 3.17
C SER B 366 8.24 27.55 3.88
N GLU B 367 9.44 27.34 3.33
CA GLU B 367 10.68 27.79 3.95
C GLU B 367 10.83 27.24 5.36
N GLY B 368 10.45 25.98 5.53
CA GLY B 368 10.59 25.29 6.80
C GLY B 368 9.52 25.57 7.82
N SER B 369 8.40 26.16 7.42
CA SER B 369 7.33 26.51 8.36
C SER B 369 6.16 25.53 8.35
N VAL B 370 6.05 24.69 7.32
CA VAL B 370 4.96 23.73 7.20
C VAL B 370 5.52 22.35 6.87
N THR B 371 5.13 21.35 7.64
CA THR B 371 5.35 19.94 7.33
C THR B 371 4.01 19.23 7.32
N CYS B 372 4.03 17.93 7.03
CA CYS B 372 2.81 17.21 6.70
C CYS B 372 2.66 15.95 7.53
N SER B 373 1.42 15.70 7.96
CA SER B 373 1.01 14.42 8.52
C SER B 373 -0.30 14.01 7.84
N SER B 374 -0.51 12.71 7.73
CA SER B 374 -1.61 12.17 6.94
C SER B 374 -2.44 11.21 7.77
N ALA B 375 -3.76 11.29 7.61
CA ALA B 375 -4.70 10.38 8.25
C ALA B 375 -5.75 9.95 7.23
N SER B 376 -6.30 8.75 7.46
CA SER B 376 -7.26 8.19 6.50
C SER B 376 -8.59 8.91 6.54
N THR B 377 -9.04 9.34 7.72
CA THR B 377 -10.32 10.01 7.86
C THR B 377 -10.15 11.28 8.68
N THR B 378 -11.14 12.17 8.58
CA THR B 378 -11.06 13.46 9.25
C THR B 378 -11.00 13.30 10.76
N GLU B 379 -11.78 12.38 11.32
CA GLU B 379 -11.72 12.13 12.76
C GLU B 379 -10.34 11.67 13.18
N ASP B 380 -9.67 10.86 12.34
CA ASP B 380 -8.30 10.45 12.62
C ASP B 380 -7.36 11.64 12.65
N CYS B 381 -7.52 12.58 11.71
CA CYS B 381 -6.68 13.77 11.70
C CYS B 381 -6.90 14.60 12.96
N ILE B 382 -8.14 14.68 13.44
CA ILE B 382 -8.42 15.36 14.71
C ILE B 382 -7.65 14.70 15.84
N ALA B 383 -7.62 13.36 15.86
CA ALA B 383 -6.86 12.65 16.88
C ALA B 383 -5.37 12.94 16.77
N LEU B 384 -4.86 13.16 15.56
CA LEU B 384 -3.43 13.43 15.39
C LEU B 384 -3.04 14.75 16.03
N VAL B 385 -3.79 15.82 15.77
CA VAL B 385 -3.51 17.09 16.43
C VAL B 385 -3.79 16.99 17.92
N LEU B 386 -4.75 16.15 18.32
CA LEU B 386 -4.99 15.91 19.74
C LEU B 386 -3.76 15.30 20.40
N LYS B 387 -3.05 14.41 19.70
CA LYS B 387 -1.86 13.78 20.24
C LYS B 387 -0.60 14.62 20.04
N GLY B 388 -0.68 15.71 19.29
CA GLY B 388 0.47 16.55 19.02
C GLY B 388 1.25 16.18 17.78
N GLU B 389 0.97 15.04 17.16
CA GLU B 389 1.63 14.67 15.92
C GLU B 389 1.21 15.56 14.77
N ALA B 390 0.08 16.26 14.88
CA ALA B 390 -0.37 17.22 13.90
C ALA B 390 -0.69 18.54 14.60
N ASP B 391 -0.85 19.60 13.82
CA ASP B 391 -1.12 20.92 14.37
C ASP B 391 -2.44 21.51 13.91
N ALA B 392 -2.72 21.49 12.61
CA ALA B 392 -3.85 22.25 12.10
C ALA B 392 -4.48 21.54 10.90
N MET B 393 -5.69 21.96 10.57
CA MET B 393 -6.44 21.46 9.43
C MET B 393 -7.70 22.30 9.29
N SER B 394 -8.22 22.37 8.07
CA SER B 394 -9.45 23.10 7.79
C SER B 394 -10.63 22.13 7.83
N LEU B 395 -11.63 22.45 8.64
CA LEU B 395 -12.72 21.53 8.95
C LEU B 395 -14.07 22.12 8.56
N ASP B 396 -14.95 21.26 8.07
CA ASP B 396 -16.35 21.61 7.91
C ASP B 396 -16.96 21.90 9.29
N GLY B 397 -18.06 22.65 9.28
CA GLY B 397 -18.67 23.08 10.54
C GLY B 397 -19.03 21.92 11.44
N GLY B 398 -19.52 20.82 10.86
CA GLY B 398 -19.84 19.64 11.66
C GLY B 398 -18.62 19.07 12.35
N TYR B 399 -17.48 19.01 11.64
CA TYR B 399 -16.26 18.52 12.26
C TYR B 399 -15.70 19.53 13.27
N VAL B 400 -15.99 20.82 13.09
CA VAL B 400 -15.59 21.82 14.07
C VAL B 400 -16.26 21.53 15.42
N TYR B 401 -17.51 21.07 15.38
CA TYR B 401 -18.17 20.65 16.62
C TYR B 401 -17.40 19.53 17.30
N THR B 402 -16.94 18.54 16.53
CA THR B 402 -16.20 17.43 17.10
C THR B 402 -14.86 17.91 17.67
N ALA B 403 -14.12 18.69 16.89
CA ALA B 403 -12.83 19.21 17.36
C ALA B 403 -13.01 20.12 18.56
N GLY B 404 -14.04 20.95 18.55
CA GLY B 404 -14.31 21.79 19.71
C GLY B 404 -14.72 20.98 20.93
N LYS B 405 -15.52 19.93 20.72
CA LYS B 405 -15.88 19.05 21.83
C LYS B 405 -14.68 18.31 22.39
N CYS B 406 -13.59 18.22 21.62
CA CYS B 406 -12.36 17.58 22.06
C CYS B 406 -11.34 18.59 22.57
N GLY B 407 -11.67 19.88 22.61
CA GLY B 407 -10.80 20.90 23.15
C GLY B 407 -10.11 21.77 22.12
N LEU B 408 -10.16 21.42 20.84
CA LEU B 408 -9.52 22.25 19.82
C LEU B 408 -10.34 23.51 19.59
N VAL B 409 -9.65 24.56 19.14
CA VAL B 409 -10.30 25.86 18.94
C VAL B 409 -10.16 26.29 17.49
N PRO B 410 -11.14 27.00 16.94
CA PRO B 410 -10.94 27.60 15.61
C PRO B 410 -9.91 28.72 15.67
N VAL B 411 -9.15 28.86 14.58
CA VAL B 411 -8.07 29.83 14.46
C VAL B 411 -8.35 30.84 13.35
N LEU B 412 -8.58 30.36 12.14
CA LEU B 412 -8.97 31.22 11.02
C LEU B 412 -10.10 30.56 10.27
N ALA B 413 -10.88 31.36 9.56
CA ALA B 413 -12.06 30.89 8.85
C ALA B 413 -11.86 31.02 7.34
N GLU B 414 -12.34 30.02 6.61
CA GLU B 414 -12.35 30.09 5.15
C GLU B 414 -13.36 31.15 4.72
N ASN B 415 -12.87 32.27 4.21
CA ASN B 415 -13.74 33.35 3.76
C ASN B 415 -14.17 33.12 2.32
N TYR B 416 -15.47 33.25 2.07
CA TYR B 416 -16.05 33.12 0.75
C TYR B 416 -16.45 34.51 0.25
N LYS B 417 -17.13 34.55 -0.89
CA LYS B 417 -17.63 35.82 -1.40
C LYS B 417 -18.63 36.43 -0.43
N SER B 418 -18.57 37.75 -0.29
CA SER B 418 -19.42 38.45 0.66
C SER B 418 -20.82 38.65 0.08
N GLN B 419 -21.72 39.16 0.93
CA GLN B 419 -23.06 39.54 0.52
C GLN B 419 -23.07 40.84 -0.27
N GLN B 420 -21.87 41.36 -0.52
CA GLN B 420 -21.70 42.50 -1.41
C GLN B 420 -20.26 42.39 -1.93
N SER B 421 -20.11 41.90 -3.15
CA SER B 421 -18.77 41.47 -3.60
C SER B 421 -17.90 42.66 -3.99
N SER B 422 -18.26 43.34 -5.07
CA SER B 422 -17.72 44.64 -5.48
C SER B 422 -16.26 44.63 -5.91
N ASP B 423 -15.52 43.55 -5.61
CA ASP B 423 -14.11 43.43 -6.00
C ASP B 423 -13.49 42.13 -5.52
N PRO B 424 -12.32 41.76 -6.02
CA PRO B 424 -11.39 40.95 -5.20
C PRO B 424 -10.92 41.77 -4.01
N ASP B 425 -11.11 41.22 -2.82
CA ASP B 425 -11.06 42.02 -1.59
C ASP B 425 -9.65 42.08 -1.04
N PRO B 426 -9.11 43.29 -0.78
CA PRO B 426 -7.80 43.39 -0.12
C PRO B 426 -7.85 43.14 1.37
N ASN B 427 -8.93 43.59 2.03
CA ASN B 427 -9.09 43.37 3.47
C ASN B 427 -9.89 42.11 3.78
N CYS B 428 -9.78 41.10 2.92
CA CYS B 428 -10.51 39.85 3.12
C CYS B 428 -10.25 39.25 4.49
N VAL B 429 -9.02 39.40 5.00
CA VAL B 429 -8.66 38.81 6.29
C VAL B 429 -9.49 39.40 7.41
N ASP B 430 -9.88 40.67 7.30
CA ASP B 430 -10.69 41.33 8.32
C ASP B 430 -12.17 41.37 7.98
N ARG B 431 -12.57 40.86 6.82
CA ARG B 431 -13.97 40.83 6.46
C ARG B 431 -14.68 39.73 7.25
N PRO B 432 -15.72 40.06 8.01
CA PRO B 432 -16.42 39.02 8.78
C PRO B 432 -17.07 37.99 7.86
N VAL B 433 -17.10 36.74 8.35
CA VAL B 433 -17.67 35.65 7.55
C VAL B 433 -19.19 35.78 7.50
N GLU B 434 -19.78 35.16 6.48
CA GLU B 434 -21.22 35.23 6.28
C GLU B 434 -21.87 33.86 6.06
N GLY B 435 -21.13 32.78 6.18
CA GLY B 435 -21.70 31.45 6.02
C GLY B 435 -21.98 31.12 4.56
N TYR B 436 -22.55 29.94 4.36
CA TYR B 436 -22.95 29.49 3.03
C TYR B 436 -24.28 28.76 3.11
N LEU B 437 -24.96 28.68 1.97
CA LEU B 437 -26.32 28.16 1.90
C LEU B 437 -26.29 26.67 1.57
N ALA B 438 -26.90 25.86 2.43
CA ALA B 438 -27.08 24.44 2.16
C ALA B 438 -28.40 24.22 1.42
N VAL B 439 -28.34 23.44 0.34
CA VAL B 439 -29.49 23.26 -0.54
C VAL B 439 -29.67 21.78 -0.85
N ALA B 440 -30.87 21.45 -1.32
CA ALA B 440 -31.20 20.12 -1.83
C ALA B 440 -31.39 20.23 -3.34
N VAL B 441 -30.59 19.49 -4.09
CA VAL B 441 -30.53 19.61 -5.54
C VAL B 441 -31.15 18.38 -6.17
N VAL B 442 -32.05 18.60 -7.13
CA VAL B 442 -32.72 17.53 -7.86
C VAL B 442 -32.68 17.86 -9.34
N ARG B 443 -32.80 16.82 -10.16
CA ARG B 443 -32.91 17.00 -11.60
C ARG B 443 -34.29 17.56 -11.94
N ARG B 444 -34.31 18.61 -12.76
CA ARG B 444 -35.56 19.31 -13.04
C ARG B 444 -36.58 18.44 -13.77
N SER B 445 -36.14 17.33 -14.37
CA SER B 445 -37.08 16.44 -15.04
C SER B 445 -38.02 15.79 -14.05
N ASP B 446 -37.51 15.43 -12.87
CA ASP B 446 -38.32 14.79 -11.83
C ASP B 446 -39.14 15.87 -11.13
N THR B 447 -40.32 16.16 -11.70
CA THR B 447 -41.18 17.22 -11.18
C THR B 447 -42.04 16.75 -10.01
N SER B 448 -42.14 15.44 -9.76
CA SER B 448 -42.83 14.95 -8.58
C SER B 448 -41.97 15.02 -7.33
N LEU B 449 -40.69 15.36 -7.46
CA LEU B 449 -39.78 15.43 -6.33
C LEU B 449 -40.01 16.73 -5.56
N THR B 450 -40.52 16.62 -4.33
CA THR B 450 -40.68 17.77 -3.45
C THR B 450 -40.09 17.42 -2.08
N TRP B 451 -39.87 18.46 -1.27
CA TRP B 451 -39.30 18.24 0.05
C TRP B 451 -40.26 17.46 0.94
N ASN B 452 -41.57 17.54 0.68
CA ASN B 452 -42.55 16.81 1.47
C ASN B 452 -42.51 15.31 1.23
N SER B 453 -41.86 14.85 0.17
CA SER B 453 -41.74 13.42 -0.13
C SER B 453 -40.31 13.08 -0.52
N VAL B 454 -39.33 13.69 0.14
CA VAL B 454 -37.94 13.41 -0.18
C VAL B 454 -37.49 12.07 0.39
N LYS B 455 -38.12 11.62 1.48
CA LYS B 455 -37.74 10.36 2.09
C LYS B 455 -38.13 9.18 1.21
N GLY B 456 -37.29 8.14 1.24
CA GLY B 456 -37.48 6.98 0.41
C GLY B 456 -36.85 7.06 -0.96
N LYS B 457 -36.31 8.22 -1.33
CA LYS B 457 -35.62 8.39 -2.60
C LYS B 457 -34.16 7.95 -2.45
N LYS B 458 -33.35 8.23 -3.46
CA LYS B 458 -31.92 7.97 -3.41
C LYS B 458 -31.19 9.30 -3.19
N SER B 459 -30.35 9.35 -2.16
CA SER B 459 -29.72 10.58 -1.72
C SER B 459 -28.21 10.52 -1.91
N CYS B 460 -27.63 11.68 -2.20
CA CYS B 460 -26.19 11.85 -2.30
C CYS B 460 -25.75 12.85 -1.26
N HIS B 461 -24.74 12.49 -0.47
CA HIS B 461 -24.25 13.35 0.60
C HIS B 461 -22.76 13.58 0.44
N THR B 462 -22.30 14.75 0.90
CA THR B 462 -20.86 15.03 0.92
C THR B 462 -20.13 13.99 1.75
N ALA B 463 -20.44 13.94 3.05
CA ALA B 463 -19.97 12.89 3.94
C ALA B 463 -20.82 12.95 5.20
N VAL B 464 -20.75 11.88 5.99
CA VAL B 464 -21.50 11.85 7.23
C VAL B 464 -20.96 12.93 8.18
N ASP B 465 -21.84 13.46 9.02
CA ASP B 465 -21.55 14.44 10.05
C ASP B 465 -21.12 15.79 9.50
N ARG B 466 -21.21 16.01 8.19
CA ARG B 466 -20.89 17.31 7.63
C ARG B 466 -22.13 18.19 7.58
N THR B 467 -21.91 19.50 7.46
CA THR B 467 -22.97 20.48 7.67
C THR B 467 -24.01 20.46 6.55
N ALA B 468 -23.59 20.81 5.33
CA ALA B 468 -24.53 20.86 4.22
C ALA B 468 -24.95 19.46 3.79
N GLY B 469 -24.02 18.50 3.86
CA GLY B 469 -24.31 17.15 3.41
C GLY B 469 -25.16 16.33 4.36
N TRP B 470 -24.87 16.39 5.66
CA TRP B 470 -25.53 15.52 6.62
C TRP B 470 -26.31 16.26 7.69
N ASN B 471 -25.67 17.18 8.41
CA ASN B 471 -26.25 17.70 9.65
C ASN B 471 -27.52 18.51 9.38
N ILE B 472 -27.46 19.42 8.41
CA ILE B 472 -28.61 20.27 8.10
C ILE B 472 -29.77 19.46 7.53
N PRO B 473 -29.59 18.61 6.52
CA PRO B 473 -30.75 17.85 6.00
C PRO B 473 -31.31 16.84 6.99
N MET B 474 -30.46 15.97 7.53
CA MET B 474 -30.93 14.93 8.45
C MET B 474 -31.50 15.53 9.73
N GLY B 475 -30.95 16.65 10.18
CA GLY B 475 -31.51 17.33 11.34
C GLY B 475 -32.93 17.82 11.10
N LEU B 476 -33.19 18.36 9.91
CA LEU B 476 -34.55 18.76 9.55
C LEU B 476 -35.49 17.57 9.50
N LEU B 477 -35.03 16.45 8.92
CA LEU B 477 -35.87 15.26 8.86
C LEU B 477 -36.02 14.61 10.22
N PHE B 478 -35.00 14.72 11.09
CA PHE B 478 -35.10 14.17 12.43
C PHE B 478 -36.03 15.01 13.30
N ASN B 479 -36.10 16.32 13.06
CA ASN B 479 -36.94 17.20 13.85
C ASN B 479 -38.43 16.95 13.65
N GLN B 480 -38.80 16.14 12.64
CA GLN B 480 -40.19 15.85 12.34
C GLN B 480 -40.54 14.38 12.48
N THR B 481 -39.58 13.50 12.73
CA THR B 481 -39.83 12.07 12.88
C THR B 481 -39.40 11.52 14.23
N GLY B 482 -38.27 11.99 14.77
CA GLY B 482 -37.72 11.39 15.96
C GLY B 482 -37.01 10.08 15.74
N SER B 483 -36.80 9.69 14.47
CA SER B 483 -36.18 8.41 14.14
C SER B 483 -34.66 8.56 14.12
N CYS B 484 -33.98 7.75 14.93
CA CYS B 484 -32.53 7.73 14.96
C CYS B 484 -31.93 6.89 13.85
N LYS B 485 -32.72 6.05 13.18
CA LYS B 485 -32.22 5.14 12.15
C LYS B 485 -32.11 5.90 10.84
N PHE B 486 -30.97 6.57 10.66
CA PHE B 486 -30.75 7.39 9.47
C PHE B 486 -30.54 6.55 8.21
N ASP B 487 -30.22 5.26 8.37
CA ASP B 487 -30.10 4.37 7.22
C ASP B 487 -31.45 4.02 6.60
N GLU B 488 -32.55 4.51 7.16
CA GLU B 488 -33.88 4.26 6.63
C GLU B 488 -34.59 5.52 6.17
N TYR B 489 -33.95 6.69 6.25
CA TYR B 489 -34.54 7.89 5.69
C TYR B 489 -34.61 7.80 4.16
N PHE B 490 -33.67 7.10 3.54
CA PHE B 490 -33.61 6.92 2.10
C PHE B 490 -33.38 5.45 1.78
N SER B 491 -33.89 5.03 0.63
CA SER B 491 -33.77 3.63 0.22
C SER B 491 -32.30 3.26 0.00
N GLN B 492 -31.57 4.11 -0.72
CA GLN B 492 -30.14 3.92 -0.96
C GLN B 492 -29.47 5.27 -0.99
N SER B 493 -28.20 5.31 -0.60
CA SER B 493 -27.47 6.56 -0.51
C SER B 493 -25.99 6.32 -0.72
N CYS B 494 -25.27 7.41 -0.99
CA CYS B 494 -23.82 7.46 -0.89
C CYS B 494 -23.49 8.52 0.15
N ALA B 495 -23.22 8.06 1.37
CA ALA B 495 -22.87 8.94 2.49
C ALA B 495 -21.50 8.51 2.97
N PRO B 496 -20.42 9.04 2.37
CA PRO B 496 -19.07 8.58 2.70
C PRO B 496 -18.79 8.70 4.19
N GLY B 497 -18.16 7.66 4.74
CA GLY B 497 -17.94 7.55 6.16
C GLY B 497 -18.90 6.64 6.90
N SER B 498 -19.84 6.02 6.19
CA SER B 498 -20.81 5.12 6.81
C SER B 498 -20.29 3.69 6.76
N ASP B 499 -21.13 2.76 7.20
CA ASP B 499 -20.79 1.33 7.12
C ASP B 499 -20.78 0.92 5.66
N PRO B 500 -19.67 0.40 5.12
CA PRO B 500 -19.64 0.00 3.70
C PRO B 500 -20.67 -1.05 3.35
N ARG B 501 -21.01 -1.94 4.28
CA ARG B 501 -22.03 -2.96 4.05
C ARG B 501 -23.45 -2.41 4.15
N SER B 502 -23.62 -1.19 4.68
CA SER B 502 -24.94 -0.61 4.80
C SER B 502 -25.43 -0.11 3.44
N ASN B 503 -26.74 0.17 3.37
CA ASN B 503 -27.31 0.78 2.17
C ASN B 503 -27.05 2.28 2.09
N LEU B 504 -26.55 2.89 3.17
CA LEU B 504 -26.07 4.27 3.12
C LEU B 504 -24.84 4.42 2.23
N CYS B 505 -24.20 3.31 1.86
CA CYS B 505 -23.05 3.31 0.97
C CYS B 505 -23.33 2.66 -0.38
N ALA B 506 -24.57 2.24 -0.63
CA ALA B 506 -24.89 1.46 -1.81
C ALA B 506 -24.73 2.24 -3.10
N LEU B 507 -24.67 3.57 -3.04
CA LEU B 507 -24.57 4.39 -4.23
C LEU B 507 -23.16 4.87 -4.53
N CYS B 508 -22.23 4.77 -3.57
CA CYS B 508 -20.86 5.19 -3.81
C CYS B 508 -20.19 4.26 -4.82
N ILE B 509 -19.22 4.81 -5.55
CA ILE B 509 -18.56 4.09 -6.64
C ILE B 509 -17.07 3.90 -6.42
N GLY B 510 -16.51 4.45 -5.35
CA GLY B 510 -15.10 4.23 -5.05
C GLY B 510 -14.16 4.95 -6.02
N ASP B 511 -12.92 4.48 -6.06
CA ASP B 511 -11.91 5.06 -6.92
C ASP B 511 -12.07 4.52 -8.34
N GLU B 512 -11.10 4.81 -9.22
CA GLU B 512 -11.19 4.39 -10.61
C GLU B 512 -11.17 2.87 -10.77
N GLN B 513 -10.61 2.14 -9.82
CA GLN B 513 -10.68 0.68 -9.85
C GLN B 513 -11.93 0.14 -9.18
N GLY B 514 -12.73 0.99 -8.55
CA GLY B 514 -13.93 0.56 -7.87
C GLY B 514 -13.75 0.17 -6.42
N GLU B 515 -12.52 0.24 -5.90
CA GLU B 515 -12.27 -0.08 -4.50
C GLU B 515 -12.41 1.18 -3.64
N ASN B 516 -12.23 1.02 -2.34
CA ASN B 516 -12.32 2.11 -1.37
C ASN B 516 -13.66 2.83 -1.47
N LYS B 517 -14.73 2.06 -1.68
CA LYS B 517 -16.06 2.63 -1.77
C LYS B 517 -16.51 3.16 -0.42
N CYS B 518 -17.19 4.31 -0.43
CA CYS B 518 -17.74 4.99 0.74
C CYS B 518 -16.67 5.52 1.68
N VAL B 519 -15.40 5.43 1.32
CA VAL B 519 -14.34 6.02 2.15
C VAL B 519 -14.50 7.53 2.15
N PRO B 520 -14.36 8.19 3.30
CA PRO B 520 -14.63 9.65 3.39
C PRO B 520 -13.41 10.51 3.09
N ASN B 521 -12.89 10.38 1.87
CA ASN B 521 -11.87 11.30 1.38
C ASN B 521 -11.94 11.32 -0.15
N SER B 522 -10.97 12.00 -0.77
CA SER B 522 -11.02 12.26 -2.21
C SER B 522 -10.93 11.00 -3.06
N ASN B 523 -10.50 9.87 -2.46
CA ASN B 523 -10.41 8.63 -3.23
C ASN B 523 -11.80 8.17 -3.70
N GLU B 524 -12.81 8.33 -2.86
CA GLU B 524 -14.18 8.05 -3.28
C GLU B 524 -14.66 9.14 -4.22
N ARG B 525 -15.09 8.75 -5.42
CA ARG B 525 -15.43 9.74 -6.45
C ARG B 525 -16.72 10.48 -6.13
N TYR B 526 -17.54 9.98 -5.22
CA TYR B 526 -18.76 10.66 -4.80
C TYR B 526 -18.59 11.39 -3.48
N TYR B 527 -17.35 11.67 -3.07
CA TYR B 527 -17.09 12.32 -1.80
C TYR B 527 -17.13 13.84 -1.94
N GLY B 528 -17.63 14.51 -0.91
CA GLY B 528 -17.55 15.95 -0.84
C GLY B 528 -18.65 16.67 -1.58
N TYR B 529 -18.45 17.98 -1.71
CA TYR B 529 -19.43 18.83 -2.40
C TYR B 529 -19.63 18.40 -3.84
N THR B 530 -18.53 18.29 -4.60
CA THR B 530 -18.62 17.97 -6.01
C THR B 530 -18.92 16.49 -6.23
N GLY B 531 -18.41 15.62 -5.35
CA GLY B 531 -18.70 14.19 -5.49
C GLY B 531 -20.17 13.88 -5.30
N ALA B 532 -20.80 14.51 -4.30
CA ALA B 532 -22.23 14.30 -4.09
C ALA B 532 -23.04 14.84 -5.27
N PHE B 533 -22.64 16.01 -5.79
CA PHE B 533 -23.32 16.56 -6.97
C PHE B 533 -23.14 15.64 -8.18
N ARG B 534 -21.94 15.09 -8.35
CA ARG B 534 -21.71 14.12 -9.42
C ARG B 534 -22.58 12.88 -9.24
N CYS B 535 -22.76 12.45 -7.99
CA CYS B 535 -23.66 11.34 -7.70
C CYS B 535 -25.08 11.63 -8.18
N LEU B 536 -25.50 12.89 -8.13
CA LEU B 536 -26.78 13.27 -8.71
C LEU B 536 -26.69 13.38 -10.23
N ALA B 537 -25.58 13.90 -10.76
CA ALA B 537 -25.46 14.15 -12.18
C ALA B 537 -25.43 12.85 -12.98
N GLU B 538 -24.95 11.76 -12.38
CA GLU B 538 -24.87 10.46 -13.05
C GLU B 538 -26.07 9.58 -12.75
N ASN B 539 -27.15 10.16 -12.20
CA ASN B 539 -28.41 9.47 -11.92
C ASN B 539 -28.25 8.36 -10.88
N ALA B 540 -27.15 8.36 -10.13
CA ALA B 540 -27.04 7.43 -9.01
C ALA B 540 -28.07 7.72 -7.94
N GLY B 541 -28.28 9.01 -7.63
CA GLY B 541 -29.23 9.41 -6.62
C GLY B 541 -30.25 10.40 -7.17
N ASP B 542 -31.29 10.62 -6.39
CA ASP B 542 -32.37 11.53 -6.79
C ASP B 542 -32.19 12.93 -6.24
N VAL B 543 -31.59 13.06 -5.06
CA VAL B 543 -31.40 14.36 -4.40
C VAL B 543 -29.98 14.40 -3.84
N ALA B 544 -29.33 15.55 -3.99
CA ALA B 544 -27.99 15.78 -3.48
C ALA B 544 -28.02 16.93 -2.50
N PHE B 545 -27.34 16.76 -1.36
CA PHE B 545 -27.29 17.76 -0.30
C PHE B 545 -25.91 18.40 -0.32
N VAL B 546 -25.80 19.55 -0.98
CA VAL B 546 -24.56 20.29 -1.10
C VAL B 546 -24.86 21.76 -0.84
N LYS B 547 -23.85 22.61 -1.00
CA LYS B 547 -24.10 24.05 -0.96
C LYS B 547 -24.40 24.57 -2.38
N ASP B 548 -25.10 25.71 -2.42
CA ASP B 548 -25.63 26.20 -3.70
C ASP B 548 -24.53 26.61 -4.66
N VAL B 549 -23.41 27.13 -4.16
CA VAL B 549 -22.33 27.55 -5.04
C VAL B 549 -21.70 26.37 -5.75
N THR B 550 -21.87 25.15 -5.23
CA THR B 550 -21.31 23.98 -5.88
C THR B 550 -21.96 23.73 -7.24
N VAL B 551 -23.29 23.87 -7.33
CA VAL B 551 -23.98 23.65 -8.58
C VAL B 551 -23.56 24.68 -9.62
N LEU B 552 -23.40 25.93 -9.19
CA LEU B 552 -23.00 26.98 -10.11
C LEU B 552 -21.61 26.73 -10.69
N GLN B 553 -20.68 26.24 -9.85
CA GLN B 553 -19.30 26.05 -10.28
C GLN B 553 -19.08 24.74 -11.04
N ASN B 554 -20.09 23.87 -11.14
CA ASN B 554 -19.93 22.59 -11.81
C ASN B 554 -20.96 22.40 -12.93
N THR B 555 -21.42 23.50 -13.52
CA THR B 555 -22.36 23.47 -14.63
C THR B 555 -21.99 24.55 -15.63
N ASP B 556 -22.56 24.44 -16.83
CA ASP B 556 -22.41 25.45 -17.89
C ASP B 556 -20.95 25.67 -18.25
N GLY B 557 -20.15 24.60 -18.24
CA GLY B 557 -18.77 24.68 -18.65
C GLY B 557 -17.82 25.28 -17.63
N ASN B 558 -18.31 25.62 -16.43
CA ASN B 558 -17.40 26.08 -15.38
C ASN B 558 -16.49 24.98 -14.88
N ASN B 559 -16.82 23.72 -15.14
CA ASN B 559 -15.95 22.59 -14.84
C ASN B 559 -15.78 21.78 -16.11
N ASN B 560 -14.54 21.55 -16.51
CA ASN B 560 -14.22 20.89 -17.77
C ASN B 560 -14.08 19.38 -17.64
N ASP B 561 -14.36 18.83 -16.46
CA ASP B 561 -14.40 17.38 -16.32
C ASP B 561 -15.53 16.81 -17.17
N ALA B 562 -15.36 15.56 -17.59
CA ALA B 562 -16.32 14.93 -18.48
C ALA B 562 -17.70 14.83 -17.82
N TRP B 563 -17.74 14.48 -16.54
CA TRP B 563 -19.01 14.36 -15.84
C TRP B 563 -19.70 15.71 -15.65
N ALA B 564 -18.95 16.81 -15.70
CA ALA B 564 -19.51 18.14 -15.48
C ALA B 564 -19.66 18.96 -16.75
N LYS B 565 -18.77 18.76 -17.73
CA LYS B 565 -18.99 19.38 -19.03
C LYS B 565 -20.26 18.83 -19.64
N ASP B 566 -21.00 19.71 -20.32
CA ASP B 566 -22.32 19.48 -20.92
C ASP B 566 -23.43 19.42 -19.88
N LEU B 567 -23.14 19.76 -18.63
CA LEU B 567 -24.17 19.91 -17.61
C LEU B 567 -24.66 21.36 -17.61
N LYS B 568 -25.97 21.55 -17.73
CA LYS B 568 -26.57 22.86 -17.82
C LYS B 568 -27.32 23.18 -16.53
N LEU B 569 -27.17 24.43 -16.07
CA LEU B 569 -27.80 24.85 -14.83
C LEU B 569 -29.32 24.77 -14.92
N ALA B 570 -29.88 24.91 -16.12
CA ALA B 570 -31.33 24.85 -16.29
C ALA B 570 -31.89 23.47 -16.02
N ASP B 571 -31.06 22.43 -16.02
CA ASP B 571 -31.51 21.07 -15.80
C ASP B 571 -31.58 20.70 -14.32
N PHE B 572 -31.43 21.67 -13.42
CA PHE B 572 -31.42 21.41 -11.99
C PHE B 572 -32.31 22.41 -11.27
N ALA B 573 -32.92 21.95 -10.18
CA ALA B 573 -33.78 22.76 -9.35
C ALA B 573 -33.44 22.51 -7.88
N LEU B 574 -34.01 23.32 -7.01
CA LEU B 574 -33.77 23.23 -5.57
C LEU B 574 -35.07 22.92 -4.85
N LEU B 575 -34.99 22.07 -3.83
CA LEU B 575 -36.14 21.72 -3.01
C LEU B 575 -36.25 22.73 -1.87
N CYS B 576 -37.19 23.65 -1.98
CA CYS B 576 -37.44 24.60 -0.91
C CYS B 576 -38.29 23.95 0.18
N LEU B 577 -38.39 24.61 1.33
CA LEU B 577 -39.21 24.10 2.42
C LEU B 577 -40.67 24.51 2.21
N ASP B 578 -41.19 24.25 1.01
CA ASP B 578 -42.58 24.53 0.68
C ASP B 578 -43.21 23.29 0.05
N GLY B 579 -42.40 22.53 -0.68
CA GLY B 579 -42.86 21.62 -1.69
C GLY B 579 -42.74 22.17 -3.09
N LYS B 580 -42.53 23.47 -3.23
CA LYS B 580 -42.24 24.09 -4.50
C LYS B 580 -40.75 23.95 -4.82
N ARG B 581 -40.44 24.02 -6.11
CA ARG B 581 -39.06 23.93 -6.58
C ARG B 581 -38.70 25.22 -7.32
N LYS B 582 -37.44 25.62 -7.20
CA LYS B 582 -36.97 26.87 -7.77
C LYS B 582 -35.61 26.64 -8.42
N PRO B 583 -35.23 27.49 -9.38
CA PRO B 583 -33.91 27.36 -10.00
C PRO B 583 -32.79 27.60 -9.00
N VAL B 584 -31.60 27.10 -9.36
CA VAL B 584 -30.45 27.14 -8.46
C VAL B 584 -30.04 28.57 -8.14
N THR B 585 -30.30 29.51 -9.05
CA THR B 585 -29.91 30.89 -8.82
C THR B 585 -30.66 31.51 -7.64
N GLU B 586 -31.90 31.07 -7.39
CA GLU B 586 -32.73 31.62 -6.32
C GLU B 586 -32.52 30.92 -4.99
N ALA B 587 -31.33 30.36 -4.75
CA ALA B 587 -31.05 29.66 -3.51
C ALA B 587 -31.18 30.56 -2.28
N ARG B 588 -31.08 31.89 -2.46
CA ARG B 588 -31.27 32.79 -1.34
C ARG B 588 -32.67 32.70 -0.75
N SER B 589 -33.64 32.27 -1.54
CA SER B 589 -35.00 32.06 -1.07
C SER B 589 -35.42 30.59 -1.08
N CYS B 590 -34.55 29.69 -1.53
CA CYS B 590 -34.88 28.26 -1.63
C CYS B 590 -33.71 27.43 -1.08
N HIS B 591 -33.21 27.81 0.09
CA HIS B 591 -32.17 27.05 0.76
C HIS B 591 -32.72 26.38 2.02
N LEU B 592 -31.97 25.40 2.52
CA LEU B 592 -32.40 24.65 3.69
C LEU B 592 -32.00 25.36 4.99
N ALA B 593 -30.74 25.74 5.12
CA ALA B 593 -30.28 26.45 6.30
C ALA B 593 -28.95 27.14 6.01
N MET B 594 -28.63 28.12 6.85
CA MET B 594 -27.33 28.76 6.82
C MET B 594 -26.29 27.86 7.46
N ALA B 595 -25.12 27.76 6.83
CA ALA B 595 -24.06 26.90 7.29
C ALA B 595 -22.84 27.72 7.67
N PRO B 596 -22.27 27.53 8.85
CA PRO B 596 -21.06 28.28 9.22
C PRO B 596 -19.88 27.89 8.34
N ASN B 597 -19.01 28.87 8.10
CA ASN B 597 -17.88 28.66 7.22
C ASN B 597 -16.94 27.59 7.77
N HIS B 598 -16.28 26.87 6.86
CA HIS B 598 -15.21 25.97 7.26
C HIS B 598 -14.09 26.78 7.90
N ALA B 599 -13.46 26.19 8.93
CA ALA B 599 -12.46 26.91 9.71
C ALA B 599 -11.28 26.01 10.00
N VAL B 600 -10.12 26.64 10.22
CA VAL B 600 -8.91 25.95 10.63
C VAL B 600 -8.92 25.81 12.15
N VAL B 601 -8.67 24.60 12.64
CA VAL B 601 -8.67 24.33 14.07
C VAL B 601 -7.29 23.86 14.49
N SER B 602 -6.99 24.03 15.77
CA SER B 602 -5.69 23.67 16.34
C SER B 602 -5.81 23.67 17.85
N ARG B 603 -4.71 23.33 18.52
CA ARG B 603 -4.63 23.43 19.97
C ARG B 603 -4.36 24.87 20.38
N MET B 604 -4.76 25.21 21.60
CA MET B 604 -4.59 26.58 22.08
C MET B 604 -3.13 26.98 22.17
N ASP B 605 -2.23 26.00 22.40
CA ASP B 605 -0.82 26.33 22.54
C ASP B 605 -0.16 26.64 21.20
N LYS B 606 -0.86 26.48 20.08
CA LYS B 606 -0.30 26.69 18.76
C LYS B 606 -1.00 27.78 17.96
N VAL B 607 -1.99 28.46 18.54
CA VAL B 607 -2.83 29.38 17.77
C VAL B 607 -2.00 30.53 17.21
N GLU B 608 -1.17 31.15 18.07
CA GLU B 608 -0.43 32.33 17.64
C GLU B 608 0.57 32.01 16.54
N ARG B 609 1.33 30.91 16.69
CA ARG B 609 2.27 30.52 15.64
C ARG B 609 1.53 30.12 14.36
N LEU B 610 0.40 29.44 14.50
CA LEU B 610 -0.39 29.05 13.33
C LEU B 610 -0.88 30.27 12.55
N LYS B 611 -1.30 31.31 13.28
CA LYS B 611 -1.72 32.54 12.62
C LYS B 611 -0.57 33.16 11.84
N GLN B 612 0.63 33.17 12.42
CA GLN B 612 1.80 33.75 11.74
C GLN B 612 2.06 33.05 10.41
N VAL B 613 2.11 31.72 10.42
CA VAL B 613 2.46 30.97 9.23
C VAL B 613 1.38 31.11 8.16
N LEU B 614 0.11 30.91 8.55
CA LEU B 614 -0.97 30.94 7.57
C LEU B 614 -1.14 32.31 6.96
N LEU B 615 -1.03 33.38 7.75
CA LEU B 615 -1.19 34.72 7.22
C LEU B 615 -0.06 35.08 6.25
N HIS B 616 1.11 34.47 6.41
CA HIS B 616 2.22 34.68 5.50
C HIS B 616 2.15 33.77 4.28
N GLN B 617 1.76 32.50 4.48
CA GLN B 617 1.69 31.57 3.36
C GLN B 617 0.62 31.99 2.35
N GLN B 618 -0.56 32.40 2.84
CA GLN B 618 -1.62 32.80 1.91
C GLN B 618 -1.33 34.14 1.25
N ALA B 619 -0.38 34.91 1.79
CA ALA B 619 0.09 36.09 1.08
C ALA B 619 0.96 35.71 -0.12
N LYS B 620 1.62 34.55 -0.04
CA LYS B 620 2.45 34.06 -1.14
C LYS B 620 1.68 33.13 -2.08
N PHE B 621 0.92 32.19 -1.53
CA PHE B 621 0.26 31.17 -2.34
C PHE B 621 -1.26 31.23 -2.28
N GLY B 622 -1.85 32.20 -1.60
CA GLY B 622 -3.29 32.35 -1.61
C GLY B 622 -3.76 32.92 -2.94
N ARG B 623 -5.07 33.06 -3.06
CA ARG B 623 -5.62 33.63 -4.27
C ARG B 623 -5.14 35.07 -4.41
N ASN B 624 -4.65 35.40 -5.61
CA ASN B 624 -3.94 36.67 -5.86
C ASN B 624 -2.72 36.79 -4.95
N GLY B 625 -1.93 35.73 -4.91
CA GLY B 625 -0.65 35.74 -4.23
C GLY B 625 0.51 35.96 -5.18
N SER B 626 1.67 36.22 -4.61
CA SER B 626 2.86 36.48 -5.42
C SER B 626 3.28 35.25 -6.21
N ASP B 627 3.23 34.07 -5.59
CA ASP B 627 3.73 32.85 -6.19
C ASP B 627 2.63 31.93 -6.69
N CYS B 628 1.42 32.45 -6.85
CA CYS B 628 0.31 31.68 -7.42
C CYS B 628 -0.17 32.36 -8.70
N PRO B 629 -0.35 31.61 -9.80
CA PRO B 629 -0.15 30.17 -9.92
C PRO B 629 1.24 29.74 -10.37
N ASP B 630 2.19 30.69 -10.38
CA ASP B 630 3.50 30.40 -10.96
C ASP B 630 4.22 29.27 -10.21
N LYS B 631 4.12 29.27 -8.88
CA LYS B 631 4.77 28.25 -8.06
C LYS B 631 3.76 27.33 -7.37
N PHE B 632 2.82 27.88 -6.62
CA PHE B 632 1.90 27.06 -5.84
C PHE B 632 0.71 27.91 -5.40
N CYS B 633 -0.44 27.25 -5.28
CA CYS B 633 -1.65 27.87 -4.77
C CYS B 633 -2.26 26.99 -3.69
N LEU B 634 -2.56 27.58 -2.54
CA LEU B 634 -3.29 26.85 -1.50
C LEU B 634 -4.70 26.52 -1.95
N PHE B 635 -5.35 27.47 -2.61
CA PHE B 635 -6.75 27.40 -2.99
C PHE B 635 -6.85 26.82 -4.41
N GLN B 636 -8.02 26.97 -5.04
CA GLN B 636 -8.28 26.36 -6.35
C GLN B 636 -7.16 26.62 -7.34
N SER B 637 -6.55 25.52 -7.79
CA SER B 637 -5.38 25.52 -8.65
C SER B 637 -5.43 24.24 -9.49
N GLU B 638 -4.27 23.75 -9.92
CA GLU B 638 -4.17 22.43 -10.52
C GLU B 638 -4.78 21.35 -9.60
N THR B 639 -5.14 21.73 -8.38
CA THR B 639 -5.80 20.88 -7.41
C THR B 639 -7.16 21.48 -7.06
N LYS B 640 -8.17 20.62 -6.93
CA LYS B 640 -9.54 21.04 -6.65
C LYS B 640 -9.99 20.47 -5.31
N ASN B 641 -10.41 21.37 -4.41
CA ASN B 641 -11.08 21.00 -3.15
C ASN B 641 -10.22 20.07 -2.30
N LEU B 642 -8.94 20.41 -2.16
CA LEU B 642 -8.02 19.67 -1.30
C LEU B 642 -7.40 20.63 -0.30
N LEU B 643 -7.57 20.32 0.99
CA LEU B 643 -7.07 21.06 2.15
C LEU B 643 -7.82 22.36 2.37
N PHE B 644 -8.64 22.76 1.40
CA PHE B 644 -9.38 24.02 1.41
C PHE B 644 -10.43 23.96 0.32
N ASN B 645 -11.61 24.53 0.60
CA ASN B 645 -12.64 24.60 -0.42
C ASN B 645 -12.23 25.57 -1.51
N ASP B 646 -12.56 25.22 -2.76
CA ASP B 646 -12.16 26.05 -3.90
C ASP B 646 -12.76 27.45 -3.87
N ASN B 647 -13.89 27.62 -3.18
CA ASN B 647 -14.53 28.93 -3.08
C ASN B 647 -13.90 29.82 -2.02
N THR B 648 -12.74 29.43 -1.49
CA THR B 648 -12.09 30.21 -0.45
C THR B 648 -11.28 31.34 -1.07
N GLU B 649 -11.49 32.55 -0.58
CA GLU B 649 -10.70 33.70 -1.02
C GLU B 649 -9.49 33.93 -0.12
N CYS B 650 -9.66 33.77 1.19
CA CYS B 650 -8.58 33.96 2.15
C CYS B 650 -8.97 33.28 3.45
N LEU B 651 -7.99 33.14 4.34
CA LEU B 651 -8.24 32.72 5.71
C LEU B 651 -8.37 33.98 6.56
N ALA B 652 -9.57 34.20 7.10
CA ALA B 652 -9.91 35.45 7.75
C ALA B 652 -9.99 35.28 9.25
N ARG B 653 -9.77 36.39 9.97
CA ARG B 653 -9.79 36.37 11.42
C ARG B 653 -11.21 36.25 11.95
N LEU B 654 -11.33 35.73 13.17
CA LEU B 654 -12.61 35.29 13.73
C LEU B 654 -13.34 36.37 14.52
N HIS B 655 -12.71 37.53 14.77
CA HIS B 655 -13.35 38.64 15.48
C HIS B 655 -13.85 38.21 16.86
N GLY B 656 -13.06 37.39 17.55
CA GLY B 656 -13.34 37.01 18.92
C GLY B 656 -14.06 35.69 19.09
N LYS B 657 -14.68 35.17 18.03
CA LYS B 657 -15.40 33.91 18.09
C LYS B 657 -14.39 32.75 17.98
N THR B 658 -13.62 32.60 19.05
CA THR B 658 -12.45 31.72 19.08
C THR B 658 -12.74 30.36 19.71
N THR B 659 -13.99 30.08 20.04
CA THR B 659 -14.39 28.77 20.55
C THR B 659 -15.44 28.19 19.60
N TYR B 660 -15.53 26.85 19.59
CA TYR B 660 -16.45 26.19 18.66
C TYR B 660 -17.89 26.60 18.91
N GLU B 661 -18.25 26.88 20.16
CA GLU B 661 -19.60 27.35 20.47
C GLU B 661 -19.81 28.77 19.94
N LYS B 662 -18.86 29.67 20.20
CA LYS B 662 -19.00 31.04 19.74
C LYS B 662 -18.97 31.11 18.21
N TYR B 663 -18.12 30.31 17.58
CA TYR B 663 -17.98 30.40 16.12
C TYR B 663 -19.16 29.76 15.41
N LEU B 664 -19.49 28.52 15.76
CA LEU B 664 -20.57 27.81 15.06
C LEU B 664 -21.93 28.45 15.32
N GLY B 665 -22.10 29.12 16.44
CA GLY B 665 -23.37 29.75 16.77
C GLY B 665 -24.16 28.92 17.76
N PRO B 666 -24.98 29.59 18.57
CA PRO B 666 -25.73 28.86 19.61
C PRO B 666 -26.72 27.86 19.04
N GLN B 667 -27.44 28.23 17.98
CA GLN B 667 -28.50 27.37 17.47
C GLN B 667 -27.94 26.17 16.70
N TYR B 668 -26.88 26.39 15.92
CA TYR B 668 -26.31 25.28 15.15
C TYR B 668 -25.66 24.24 16.05
N VAL B 669 -24.99 24.69 17.12
CA VAL B 669 -24.40 23.75 18.07
C VAL B 669 -25.49 22.96 18.78
N ALA B 670 -26.58 23.62 19.16
CA ALA B 670 -27.68 22.92 19.81
C ALA B 670 -28.29 21.87 18.91
N GLY B 671 -28.36 22.15 17.60
CA GLY B 671 -28.90 21.18 16.67
C GLY B 671 -28.03 19.95 16.53
N ILE B 672 -26.71 20.13 16.52
CA ILE B 672 -25.81 19.00 16.31
C ILE B 672 -25.88 18.03 17.48
N THR B 673 -25.77 18.55 18.72
CA THR B 673 -25.80 17.69 19.89
C THR B 673 -27.14 16.98 20.03
N ASN B 674 -28.21 17.53 19.48
CA ASN B 674 -29.49 16.82 19.45
C ASN B 674 -29.40 15.57 18.59
N LEU B 675 -28.76 15.66 17.42
CA LEU B 675 -28.56 14.49 16.58
C LEU B 675 -27.57 13.51 17.21
N LYS B 676 -26.54 14.03 17.87
CA LYS B 676 -25.52 13.19 18.48
C LYS B 676 -26.07 12.34 19.61
N LYS B 677 -27.26 12.62 20.11
CA LYS B 677 -27.89 11.76 21.10
C LYS B 677 -28.30 10.41 20.51
N CYS B 678 -28.37 10.30 19.18
CA CYS B 678 -28.67 9.03 18.54
C CYS B 678 -27.44 8.17 18.32
N SER B 679 -26.26 8.78 18.18
CA SER B 679 -25.08 8.10 17.68
C SER B 679 -24.09 7.84 18.80
N THR B 680 -23.06 7.07 18.46
CA THR B 680 -21.98 6.70 19.38
C THR B 680 -20.75 7.59 19.22
N SER B 681 -20.24 7.75 17.99
CA SER B 681 -19.09 8.59 17.69
C SER B 681 -17.89 8.21 18.55
N PRO B 682 -17.19 7.12 18.22
CA PRO B 682 -16.06 6.68 19.07
C PRO B 682 -15.07 7.77 19.43
N LEU B 683 -14.82 8.72 18.53
CA LEU B 683 -13.94 9.85 18.87
C LEU B 683 -14.56 10.73 19.96
N LEU B 684 -15.86 11.02 19.85
CA LEU B 684 -16.51 11.83 20.88
C LEU B 684 -16.53 11.11 22.23
N GLU B 685 -16.81 9.80 22.22
CA GLU B 685 -16.79 9.04 23.46
C GLU B 685 -15.38 9.00 24.06
N ALA B 686 -14.35 9.03 23.21
CA ALA B 686 -12.99 9.12 23.71
C ALA B 686 -12.72 10.47 24.36
N CYS B 687 -13.16 11.56 23.73
CA CYS B 687 -12.91 12.89 24.28
C CYS B 687 -13.74 13.14 25.52
N GLU B 688 -14.93 12.54 25.61
CA GLU B 688 -15.73 12.66 26.82
C GLU B 688 -15.02 12.02 28.01
N PHE B 689 -14.35 10.89 27.78
CA PHE B 689 -13.50 10.29 28.81
C PHE B 689 -12.32 11.19 29.15
N LEU B 690 -11.67 11.77 28.13
CA LEU B 690 -10.45 12.53 28.38
C LEU B 690 -10.74 13.83 29.13
N ARG B 691 -11.77 14.56 28.70
CA ARG B 691 -12.16 15.79 29.39
C ARG B 691 -13.01 15.44 30.61
N LYS B 692 -12.35 14.79 31.57
CA LYS B 692 -13.00 14.32 32.79
C LYS B 692 -11.94 13.95 33.82
#